data_4NNZ
#
_entry.id   4NNZ
#
_cell.length_a   79.880
_cell.length_b   106.510
_cell.length_c   112.660
_cell.angle_alpha   90.00
_cell.angle_beta   90.00
_cell.angle_gamma   90.00
#
_symmetry.space_group_name_H-M   'P 21 21 21'
#
loop_
_entity.id
_entity.type
_entity.pdbx_description
1 polymer 'Probable zinc protease'
2 non-polymer DI(HYDROXYETHYL)ETHER
3 water water
#
_entity_poly.entity_id   1
_entity_poly.type   'polypeptide(L)'
_entity_poly.pdbx_seq_one_letter_code
;MAETQPTHEFSLDNGLKVIVREDHRAPVVVSQLWYRIGSSYETPGLTGLSHALEHMMFKGSRKLGPGEASRVLRDLGAEE
NAFTTDDYTAYYQVLARDRLPVALEMEADRMAHLSLPVDQFKSEIEVIKEERRLRTDDNPNALAFERFKAAAYPASGYHT
PTIGWMADLQRMTIDDLRHWYESWYAPNNATLVVVGDVTADEVKTLAKRYFGEIPWRQLPPARKPLELAEPGERRLKLYV
RTQLPNLIMGFNVPSLGSSENPREVNALRLIGALLDGGYSARLASRLERGEELVAGASTYYDAFNRGDSLFVLSATPNVQ
KGKTLEQVEAGLWKQLDDLKQNPPSAAEIERVRAQMIAGMVYEKDSIAAQASSIGQLESVGLSWKLIDQDLEALKAVTPD
DIQKAARTYFTPSRLTLAQVLPVKAEEKEARHEHHHHHH
;
_entity_poly.pdbx_strand_id   A,B
#
loop_
_chem_comp.id
_chem_comp.type
_chem_comp.name
_chem_comp.formula
PEG non-polymer DI(HYDROXYETHYL)ETHER 'C4 H10 O3'
#
# COMPACT_ATOMS: atom_id res chain seq x y z
N PRO A 6 -5.05 15.21 22.56
CA PRO A 6 -3.73 15.65 22.13
C PRO A 6 -3.75 16.24 20.73
N THR A 7 -4.89 16.76 20.29
CA THR A 7 -5.02 17.28 18.93
C THR A 7 -5.38 18.74 18.86
N HIS A 8 -4.62 19.51 18.10
CA HIS A 8 -4.79 20.95 18.04
C HIS A 8 -5.10 21.51 16.67
N GLU A 9 -5.96 22.51 16.60
CA GLU A 9 -6.31 23.13 15.34
C GLU A 9 -6.09 24.63 15.29
N PHE A 10 -5.26 25.10 14.38
CA PHE A 10 -5.10 26.52 14.16
C PHE A 10 -5.08 26.87 12.68
N SER A 11 -5.44 28.08 12.33
CA SER A 11 -5.40 28.47 10.94
C SER A 11 -4.57 29.69 10.72
N LEU A 12 -3.71 29.64 9.74
CA LEU A 12 -2.87 30.75 9.42
C LEU A 12 -3.65 31.85 8.79
N ASP A 13 -2.99 32.97 8.65
CA ASP A 13 -3.60 34.18 8.17
C ASP A 13 -4.08 34.02 6.78
N ASN A 14 -3.37 33.22 6.00
CA ASN A 14 -3.74 33.02 4.60
C ASN A 14 -4.89 32.04 4.48
N GLY A 15 -5.33 31.53 5.61
CA GLY A 15 -6.46 30.64 5.62
C GLY A 15 -6.13 29.19 5.57
N LEU A 16 -4.86 28.88 5.57
CA LEU A 16 -4.45 27.52 5.68
C LEU A 16 -4.86 27.08 7.04
N LYS A 17 -5.41 25.89 7.13
CA LYS A 17 -5.80 25.29 8.38
C LYS A 17 -4.75 24.28 8.71
N VAL A 18 -4.33 24.23 9.96
CA VAL A 18 -3.30 23.31 10.36
C VAL A 18 -3.83 22.44 11.47
N ILE A 19 -3.65 21.14 11.34
CA ILE A 19 -4.05 20.24 12.39
C ILE A 19 -2.90 19.40 12.83
N VAL A 20 -2.69 19.34 14.13
CA VAL A 20 -1.55 18.62 14.68
C VAL A 20 -1.93 17.66 15.78
N ARG A 21 -1.49 16.42 15.64
CA ARG A 21 -1.62 15.48 16.72
C ARG A 21 -0.30 14.86 17.12
N GLU A 22 0.00 14.92 18.41
CA GLU A 22 1.25 14.42 18.92
C GLU A 22 1.15 12.97 19.30
N ASP A 23 2.10 12.18 18.84
CA ASP A 23 2.23 10.80 19.25
C ASP A 23 3.70 10.51 19.32
N HIS A 24 4.24 10.31 20.51
CA HIS A 24 5.67 10.18 20.69
C HIS A 24 6.17 8.74 20.82
N ARG A 25 5.35 7.80 20.42
CA ARG A 25 5.62 6.40 20.52
C ARG A 25 6.82 5.98 19.72
N ALA A 26 7.08 6.70 18.67
CA ALA A 26 8.23 6.44 17.85
C ALA A 26 8.69 7.76 17.33
N PRO A 27 9.94 7.88 16.93
CA PRO A 27 10.43 9.15 16.42
C PRO A 27 10.18 9.36 14.92
N VAL A 28 8.92 9.37 14.52
CA VAL A 28 8.55 9.59 13.13
C VAL A 28 7.40 10.54 13.08
N VAL A 29 7.30 11.29 11.99
CA VAL A 29 6.17 12.18 11.81
C VAL A 29 5.56 12.08 10.43
N VAL A 30 4.26 12.24 10.36
CA VAL A 30 3.57 12.16 9.10
C VAL A 30 3.09 13.55 8.72
N SER A 31 3.33 13.95 7.49
CA SER A 31 2.87 15.23 7.04
C SER A 31 2.05 15.05 5.80
N GLN A 32 0.79 15.48 5.79
CA GLN A 32 0.01 15.31 4.57
C GLN A 32 -0.54 16.61 4.08
N LEU A 33 -0.61 16.85 2.77
CA LEU A 33 -1.31 18.09 2.47
C LEU A 33 -2.59 17.89 1.68
N TRP A 34 -3.75 18.36 2.14
CA TRP A 34 -4.99 18.05 1.45
C TRP A 34 -5.60 19.26 0.83
N TYR A 35 -5.78 19.23 -0.46
CA TYR A 35 -6.36 20.33 -1.19
C TYR A 35 -7.78 19.96 -1.54
N ARG A 36 -8.70 20.88 -1.41
CA ARG A 36 -10.06 20.58 -1.74
C ARG A 36 -10.38 20.82 -3.20
N ILE A 37 -9.79 20.02 -4.05
CA ILE A 37 -10.12 20.08 -5.41
C ILE A 37 -10.16 18.64 -5.90
N GLY A 38 -11.00 18.36 -6.87
CA GLY A 38 -11.28 17.01 -7.20
C GLY A 38 -11.91 16.99 -8.54
N SER A 39 -12.23 15.83 -9.04
CA SER A 39 -12.97 15.67 -10.25
C SER A 39 -14.40 16.16 -10.23
N SER A 40 -15.02 16.23 -9.08
CA SER A 40 -16.37 16.72 -9.00
C SER A 40 -16.47 18.22 -9.22
N TYR A 41 -15.35 18.90 -9.19
CA TYR A 41 -15.30 20.29 -9.47
C TYR A 41 -15.14 20.57 -10.95
N GLU A 42 -14.82 19.54 -11.70
CA GLU A 42 -14.47 19.67 -13.09
C GLU A 42 -15.63 19.86 -14.02
N THR A 43 -15.33 20.34 -15.21
CA THR A 43 -16.30 20.84 -16.13
C THR A 43 -16.16 20.08 -17.40
N PRO A 44 -17.24 19.77 -18.08
CA PRO A 44 -17.14 18.92 -19.24
C PRO A 44 -16.29 19.50 -20.34
N GLY A 45 -15.52 18.62 -20.94
CA GLY A 45 -14.57 18.98 -21.94
C GLY A 45 -13.25 19.29 -21.32
N LEU A 46 -13.23 19.45 -20.02
CA LEU A 46 -12.00 19.62 -19.29
C LEU A 46 -11.90 18.70 -18.11
N THR A 47 -12.31 17.48 -18.27
CA THR A 47 -12.15 16.49 -17.24
C THR A 47 -10.74 15.98 -17.13
N GLY A 48 -10.42 15.49 -15.95
CA GLY A 48 -9.18 14.87 -15.67
C GLY A 48 -8.11 15.81 -15.26
N LEU A 49 -8.46 17.07 -15.13
CA LEU A 49 -7.56 18.15 -14.83
C LEU A 49 -6.89 18.09 -13.48
N SER A 50 -7.63 17.73 -12.45
CA SER A 50 -7.08 17.65 -11.13
C SER A 50 -6.09 16.55 -10.98
N HIS A 51 -6.44 15.42 -11.52
CA HIS A 51 -5.57 14.29 -11.54
C HIS A 51 -4.31 14.50 -12.39
N ALA A 52 -4.42 15.18 -13.50
CA ALA A 52 -3.26 15.52 -14.28
C ALA A 52 -2.33 16.48 -13.59
N LEU A 53 -2.90 17.47 -12.96
CA LEU A 53 -2.11 18.48 -12.34
C LEU A 53 -1.31 17.85 -11.25
N GLU A 54 -1.91 16.90 -10.57
CA GLU A 54 -1.24 16.18 -9.50
C GLU A 54 -0.13 15.35 -10.06
N HIS A 55 -0.45 14.58 -11.07
CA HIS A 55 0.52 13.76 -11.73
C HIS A 55 1.75 14.58 -12.11
N MET A 56 1.54 15.81 -12.49
CA MET A 56 2.60 16.64 -13.00
C MET A 56 3.56 17.17 -11.95
N MET A 57 3.07 17.40 -10.76
CA MET A 57 3.92 17.78 -9.67
C MET A 57 4.42 16.53 -9.03
N PHE A 58 5.23 15.80 -9.78
CA PHE A 58 5.69 14.53 -9.35
C PHE A 58 6.55 13.99 -10.49
N GLU A 79 8.65 7.91 2.72
CA GLU A 79 8.15 7.87 1.35
C GLU A 79 7.16 8.99 1.12
N GLU A 80 6.89 9.28 -0.14
CA GLU A 80 5.90 10.28 -0.44
C GLU A 80 5.02 9.81 -1.56
N ASN A 81 3.74 10.18 -1.47
CA ASN A 81 2.81 9.87 -2.53
C ASN A 81 1.74 10.92 -2.67
N ALA A 82 0.93 10.79 -3.70
CA ALA A 82 -0.14 11.71 -3.98
C ALA A 82 -1.35 10.96 -4.46
N PHE A 83 -2.51 11.53 -4.29
CA PHE A 83 -3.73 10.88 -4.70
C PHE A 83 -4.76 11.91 -5.05
N THR A 84 -5.55 11.59 -6.06
CA THR A 84 -6.63 12.44 -6.47
C THR A 84 -7.88 11.64 -6.51
N THR A 85 -8.94 12.16 -5.93
CA THR A 85 -10.21 11.51 -5.95
C THR A 85 -11.22 12.49 -6.42
N ASP A 86 -12.47 12.18 -6.25
CA ASP A 86 -13.51 13.08 -6.66
C ASP A 86 -13.50 14.35 -5.90
N ASP A 87 -13.38 14.25 -4.59
CA ASP A 87 -13.41 15.40 -3.75
C ASP A 87 -12.11 15.98 -3.27
N TYR A 88 -11.00 15.30 -3.45
CA TYR A 88 -9.77 15.84 -2.95
C TYR A 88 -8.51 15.38 -3.64
N THR A 89 -7.45 16.12 -3.39
CA THR A 89 -6.13 15.75 -3.79
C THR A 89 -5.22 15.85 -2.61
N ALA A 90 -4.53 14.77 -2.29
CA ALA A 90 -3.69 14.76 -1.13
C ALA A 90 -2.25 14.37 -1.36
N TYR A 91 -1.33 15.10 -0.77
CA TYR A 91 0.06 14.73 -0.83
C TYR A 91 0.55 14.46 0.56
N TYR A 92 1.18 13.33 0.77
CA TYR A 92 1.66 12.99 2.07
C TYR A 92 3.01 12.37 2.05
N GLN A 93 3.74 12.57 3.12
CA GLN A 93 5.03 12.00 3.26
C GLN A 93 5.12 11.46 4.67
N VAL A 94 5.98 10.49 4.90
CA VAL A 94 6.17 10.00 6.22
C VAL A 94 7.66 10.10 6.44
N LEU A 95 8.07 10.44 7.65
CA LEU A 95 9.44 10.79 7.85
C LEU A 95 9.96 10.87 9.25
N ALA A 96 11.26 11.01 9.30
CA ALA A 96 11.99 11.12 10.52
C ALA A 96 11.77 12.48 11.11
N ARG A 97 11.62 12.47 12.38
CA ARG A 97 11.13 13.62 13.11
C ARG A 97 11.98 14.85 12.90
N ASP A 98 13.25 14.70 12.70
CA ASP A 98 14.06 15.88 12.58
C ASP A 98 14.02 16.43 11.19
N ARG A 99 13.47 15.66 10.28
CA ARG A 99 13.46 16.05 8.89
C ARG A 99 12.19 16.80 8.49
N LEU A 100 11.36 17.09 9.46
CA LEU A 100 10.07 17.69 9.19
C LEU A 100 10.20 19.03 8.52
N PRO A 101 11.22 19.79 8.87
CA PRO A 101 11.37 21.12 8.32
C PRO A 101 11.53 21.09 6.85
N VAL A 102 12.28 20.13 6.34
CA VAL A 102 12.46 20.05 4.93
C VAL A 102 11.28 19.46 4.18
N ALA A 103 10.49 18.65 4.85
CA ALA A 103 9.27 18.17 4.26
C ALA A 103 8.28 19.28 4.08
N LEU A 104 8.11 20.11 5.08
CA LEU A 104 7.18 21.21 5.01
C LEU A 104 7.61 22.24 4.03
N GLU A 105 8.90 22.40 3.86
CA GLU A 105 9.41 23.42 3.00
C GLU A 105 9.11 23.11 1.56
N MET A 106 9.05 21.83 1.22
CA MET A 106 8.89 21.46 -0.15
C MET A 106 7.45 21.21 -0.50
N GLU A 107 6.59 21.15 0.49
CA GLU A 107 5.17 21.08 0.28
C GLU A 107 4.67 22.47 0.04
N ALA A 108 5.29 23.40 0.75
CA ALA A 108 5.09 24.81 0.60
C ALA A 108 5.52 25.27 -0.75
N ASP A 109 6.58 24.67 -1.26
CA ASP A 109 7.06 25.04 -2.56
C ASP A 109 6.03 24.74 -3.60
N ARG A 110 5.39 23.61 -3.44
CA ARG A 110 4.39 23.18 -4.35
C ARG A 110 3.27 24.18 -4.35
N MET A 111 2.85 24.60 -3.19
CA MET A 111 1.77 25.53 -3.07
C MET A 111 2.11 26.85 -3.66
N ALA A 112 3.33 27.26 -3.45
CA ALA A 112 3.79 28.56 -3.87
C ALA A 112 3.86 28.80 -5.35
N HIS A 113 4.33 27.84 -6.11
CA HIS A 113 4.41 28.07 -7.51
C HIS A 113 4.50 26.79 -8.28
N LEU A 114 4.10 26.84 -9.53
CA LEU A 114 4.10 25.66 -10.33
C LEU A 114 5.13 25.79 -11.39
N SER A 115 6.12 24.92 -11.36
CA SER A 115 7.10 24.89 -12.42
C SER A 115 6.75 23.75 -13.30
N LEU A 116 6.26 24.05 -14.48
CA LEU A 116 5.84 23.03 -15.38
C LEU A 116 6.16 23.49 -16.76
N PRO A 117 7.17 22.87 -17.31
CA PRO A 117 7.64 23.19 -18.64
C PRO A 117 6.78 22.60 -19.72
N VAL A 118 6.72 23.29 -20.83
CA VAL A 118 5.94 22.88 -21.96
C VAL A 118 6.45 21.52 -22.40
N ASP A 119 7.74 21.36 -22.28
CA ASP A 119 8.40 20.15 -22.68
C ASP A 119 8.00 18.99 -21.79
N GLN A 120 7.92 19.25 -20.51
CA GLN A 120 7.49 18.23 -19.59
C GLN A 120 6.06 17.86 -19.89
N PHE A 121 5.24 18.86 -20.15
CA PHE A 121 3.83 18.64 -20.25
C PHE A 121 3.54 17.73 -21.39
N LYS A 122 4.16 17.99 -22.51
CA LYS A 122 3.87 17.26 -23.69
C LYS A 122 4.15 15.79 -23.51
N SER A 123 5.21 15.44 -22.81
CA SER A 123 5.44 14.05 -22.48
C SER A 123 4.47 13.43 -21.51
N GLU A 124 4.15 14.13 -20.44
CA GLU A 124 3.30 13.60 -19.41
C GLU A 124 1.88 13.32 -19.83
N ILE A 125 1.34 14.13 -20.71
CA ILE A 125 -0.03 13.96 -21.11
C ILE A 125 -0.18 12.63 -21.78
N GLU A 126 0.80 12.22 -22.55
CA GLU A 126 0.79 10.93 -23.19
C GLU A 126 0.80 9.79 -22.22
N VAL A 127 1.53 9.95 -21.14
CA VAL A 127 1.56 8.95 -20.11
C VAL A 127 0.17 8.82 -19.56
N ILE A 128 -0.46 9.94 -19.28
CA ILE A 128 -1.78 9.94 -18.71
C ILE A 128 -2.77 9.31 -19.63
N LYS A 129 -2.70 9.65 -20.88
CA LYS A 129 -3.61 9.13 -21.84
C LYS A 129 -3.40 7.65 -21.90
N GLU A 130 -2.13 7.29 -21.86
CA GLU A 130 -1.76 5.93 -21.91
C GLU A 130 -2.29 5.21 -20.71
N GLU A 131 -2.17 5.82 -19.56
CA GLU A 131 -2.67 5.25 -18.34
C GLU A 131 -4.19 5.04 -18.40
N ARG A 132 -4.90 5.90 -19.08
CA ARG A 132 -6.31 5.72 -19.25
C ARG A 132 -6.66 4.49 -20.05
N ARG A 133 -5.93 4.23 -21.11
CA ARG A 133 -6.17 3.08 -21.91
C ARG A 133 -5.93 1.79 -21.16
N LEU A 134 -4.78 1.71 -20.54
CA LEU A 134 -4.36 0.50 -19.91
C LEU A 134 -5.18 0.11 -18.73
N ARG A 135 -5.44 1.07 -17.87
CA ARG A 135 -6.09 0.80 -16.63
C ARG A 135 -7.57 1.03 -16.59
N THR A 136 -8.15 1.67 -17.59
CA THR A 136 -9.58 1.85 -17.62
C THR A 136 -10.28 1.23 -18.80
N ASP A 137 -9.91 1.63 -19.98
CA ASP A 137 -10.45 1.05 -21.17
C ASP A 137 -10.12 -0.41 -21.35
N ASP A 138 -8.90 -0.81 -21.07
CA ASP A 138 -8.54 -2.18 -21.23
C ASP A 138 -8.74 -3.00 -19.99
N ASN A 139 -9.21 -2.38 -18.93
CA ASN A 139 -9.60 -3.12 -17.78
C ASN A 139 -11.10 -3.21 -17.75
N PRO A 140 -11.66 -4.37 -18.03
CA PRO A 140 -13.09 -4.48 -18.22
C PRO A 140 -13.95 -4.11 -17.03
N ASN A 141 -13.57 -4.46 -15.83
CA ASN A 141 -14.29 -3.98 -14.69
C ASN A 141 -14.22 -2.51 -14.44
N ALA A 142 -13.08 -1.92 -14.67
CA ALA A 142 -12.92 -0.50 -14.53
C ALA A 142 -13.80 0.21 -15.50
N LEU A 143 -13.90 -0.33 -16.70
CA LEU A 143 -14.65 0.25 -17.77
C LEU A 143 -16.12 0.29 -17.48
N ALA A 144 -16.61 -0.83 -17.02
CA ALA A 144 -17.98 -0.98 -16.67
C ALA A 144 -18.36 -0.05 -15.57
N PHE A 145 -17.51 0.07 -14.59
CA PHE A 145 -17.79 0.93 -13.47
C PHE A 145 -17.87 2.39 -13.83
N GLU A 146 -17.08 2.81 -14.78
CA GLU A 146 -17.07 4.18 -15.22
C GLU A 146 -18.39 4.55 -15.81
N ARG A 147 -18.91 3.67 -16.63
CA ARG A 147 -20.23 3.81 -17.16
C ARG A 147 -21.31 3.78 -16.12
N PHE A 148 -21.19 2.91 -15.14
CA PHE A 148 -22.20 2.73 -14.14
C PHE A 148 -22.32 3.97 -13.33
N LYS A 149 -21.18 4.52 -12.99
CA LYS A 149 -21.08 5.74 -12.26
C LYS A 149 -21.64 6.94 -12.99
N ALA A 150 -21.42 7.05 -14.28
CA ALA A 150 -22.04 8.11 -15.03
C ALA A 150 -23.58 8.06 -15.06
N ALA A 151 -24.15 6.89 -15.28
CA ALA A 151 -25.57 6.69 -15.19
C ALA A 151 -26.14 6.90 -13.80
N ALA A 152 -25.42 6.48 -12.78
CA ALA A 152 -25.83 6.67 -11.41
C ALA A 152 -25.86 8.10 -10.86
N TYR A 153 -25.15 9.01 -11.48
CA TYR A 153 -25.08 10.35 -10.96
C TYR A 153 -25.43 11.37 -12.01
N PRO A 154 -26.69 11.45 -12.39
CA PRO A 154 -27.08 12.32 -13.48
C PRO A 154 -26.78 13.78 -13.27
N ALA A 155 -27.02 14.31 -12.09
CA ALA A 155 -26.86 15.72 -11.89
C ALA A 155 -25.60 16.18 -11.22
N SER A 156 -24.97 15.34 -10.44
CA SER A 156 -23.79 15.75 -9.70
C SER A 156 -22.46 15.56 -10.38
N GLY A 157 -21.44 16.14 -9.81
CA GLY A 157 -20.12 16.07 -10.36
C GLY A 157 -19.55 14.69 -10.23
N TYR A 158 -20.22 13.87 -9.46
CA TYR A 158 -19.74 12.55 -9.22
C TYR A 158 -19.72 11.70 -10.42
N HIS A 159 -20.44 12.06 -11.44
CA HIS A 159 -20.44 11.25 -12.63
C HIS A 159 -19.16 11.30 -13.37
N THR A 160 -18.37 12.31 -13.14
CA THR A 160 -17.18 12.42 -13.92
C THR A 160 -16.06 11.50 -13.48
N PRO A 161 -15.43 10.82 -14.41
CA PRO A 161 -14.28 10.00 -14.06
C PRO A 161 -13.10 10.85 -13.68
N THR A 162 -12.46 10.51 -12.60
CA THR A 162 -11.28 11.20 -12.13
C THR A 162 -10.12 11.25 -13.08
N ILE A 163 -9.89 10.17 -13.78
CA ILE A 163 -8.85 10.11 -14.78
C ILE A 163 -9.07 11.07 -15.93
N GLY A 164 -10.31 11.32 -16.25
CA GLY A 164 -10.73 12.16 -17.34
C GLY A 164 -11.18 11.39 -18.53
N TRP A 165 -12.13 11.91 -19.28
CA TRP A 165 -12.53 11.27 -20.53
C TRP A 165 -11.46 11.47 -21.58
N MET A 166 -11.30 10.51 -22.47
CA MET A 166 -10.21 10.54 -23.39
C MET A 166 -10.24 11.74 -24.29
N ALA A 167 -11.43 12.12 -24.68
CA ALA A 167 -11.61 13.25 -25.50
C ALA A 167 -11.11 14.48 -24.81
N ASP A 168 -11.34 14.59 -23.52
CA ASP A 168 -10.83 15.71 -22.77
C ASP A 168 -9.32 15.71 -22.61
N LEU A 169 -8.73 14.58 -22.33
CA LEU A 169 -7.31 14.47 -22.19
C LEU A 169 -6.69 14.80 -23.50
N GLN A 170 -7.34 14.39 -24.55
CA GLN A 170 -6.89 14.63 -25.89
C GLN A 170 -6.82 16.08 -26.23
N ARG A 171 -7.64 16.89 -25.62
CA ARG A 171 -7.66 18.31 -25.85
C ARG A 171 -7.05 19.16 -24.78
N MET A 172 -6.54 18.59 -23.72
CA MET A 172 -6.05 19.35 -22.59
C MET A 172 -4.81 20.13 -22.92
N THR A 173 -4.60 21.24 -22.25
CA THR A 173 -3.45 22.06 -22.55
C THR A 173 -2.79 22.56 -21.32
N ILE A 174 -1.60 23.10 -21.51
CA ILE A 174 -0.79 23.56 -20.43
C ILE A 174 -1.42 24.69 -19.68
N ASP A 175 -2.04 25.57 -20.44
CA ASP A 175 -2.71 26.70 -19.88
C ASP A 175 -3.86 26.28 -19.03
N ASP A 176 -4.55 25.24 -19.44
CA ASP A 176 -5.66 24.74 -18.68
C ASP A 176 -5.20 24.25 -17.33
N LEU A 177 -4.06 23.58 -17.31
CA LEU A 177 -3.44 23.14 -16.10
C LEU A 177 -2.95 24.23 -15.19
N ARG A 178 -2.36 25.26 -15.75
CA ARG A 178 -1.87 26.36 -14.97
C ARG A 178 -2.99 27.06 -14.27
N HIS A 179 -4.06 27.24 -15.00
CA HIS A 179 -5.18 27.95 -14.53
C HIS A 179 -5.86 27.25 -13.41
N TRP A 180 -5.92 25.95 -13.54
CA TRP A 180 -6.46 25.11 -12.53
C TRP A 180 -5.60 25.18 -11.30
N TYR A 181 -4.30 25.25 -11.50
CA TYR A 181 -3.42 25.38 -10.38
C TYR A 181 -3.66 26.68 -9.67
N GLU A 182 -3.79 27.75 -10.43
CA GLU A 182 -4.00 29.05 -9.89
C GLU A 182 -5.26 29.15 -9.13
N SER A 183 -6.30 28.58 -9.66
CA SER A 183 -7.59 28.66 -9.06
C SER A 183 -7.74 27.96 -7.76
N TRP A 184 -7.20 26.77 -7.66
CA TRP A 184 -7.55 25.87 -6.58
C TRP A 184 -6.47 25.50 -5.61
N TYR A 185 -5.23 25.59 -6.02
CA TYR A 185 -4.17 25.23 -5.13
C TYR A 185 -3.80 26.42 -4.31
N ALA A 186 -4.60 26.70 -3.33
CA ALA A 186 -4.39 27.86 -2.55
C ALA A 186 -4.51 27.52 -1.09
N PRO A 187 -3.89 28.34 -0.24
CA PRO A 187 -3.80 28.07 1.18
C PRO A 187 -5.14 27.99 1.82
N ASN A 188 -6.07 28.77 1.34
CA ASN A 188 -7.38 28.76 1.88
C ASN A 188 -8.21 27.65 1.30
N ASN A 189 -7.62 26.88 0.41
CA ASN A 189 -8.24 25.67 -0.07
C ASN A 189 -7.59 24.42 0.43
N ALA A 190 -6.75 24.53 1.44
CA ALA A 190 -5.92 23.44 1.82
C ALA A 190 -5.85 23.16 3.30
N THR A 191 -5.56 21.92 3.64
CA THR A 191 -5.33 21.55 5.03
C THR A 191 -4.02 20.84 5.23
N LEU A 192 -3.23 21.25 6.21
CA LEU A 192 -2.00 20.61 6.50
C LEU A 192 -2.23 19.78 7.71
N VAL A 193 -1.88 18.52 7.67
CA VAL A 193 -2.09 17.66 8.80
C VAL A 193 -0.81 17.03 9.26
N VAL A 194 -0.53 17.13 10.55
CA VAL A 194 0.68 16.56 11.10
C VAL A 194 0.44 15.66 12.30
N VAL A 195 0.91 14.44 12.24
CA VAL A 195 0.85 13.60 13.41
C VAL A 195 2.16 12.85 13.65
N GLY A 196 2.46 12.64 14.92
CA GLY A 196 3.69 11.99 15.26
C GLY A 196 4.44 12.66 16.38
N ASP A 197 5.74 12.42 16.39
CA ASP A 197 6.62 12.82 17.44
C ASP A 197 6.99 14.26 17.26
N VAL A 198 6.04 15.14 17.50
CA VAL A 198 6.31 16.56 17.43
C VAL A 198 5.47 17.28 18.43
N THR A 199 5.77 18.56 18.59
CA THR A 199 5.03 19.44 19.47
C THR A 199 4.27 20.43 18.65
N ALA A 200 3.07 20.71 19.08
CA ALA A 200 2.16 21.51 18.32
C ALA A 200 2.70 22.87 18.09
N ASP A 201 3.44 23.38 19.06
CA ASP A 201 4.11 24.64 18.89
C ASP A 201 5.22 24.61 17.89
N GLU A 202 5.91 23.51 17.87
CA GLU A 202 6.95 23.36 16.93
C GLU A 202 6.37 23.42 15.55
N VAL A 203 5.29 22.68 15.31
CA VAL A 203 4.67 22.67 13.99
C VAL A 203 4.13 24.03 13.62
N LYS A 204 3.53 24.71 14.58
CA LYS A 204 2.92 25.97 14.32
C LYS A 204 3.95 26.91 13.79
N THR A 205 5.13 26.86 14.36
CA THR A 205 6.19 27.74 13.96
C THR A 205 6.63 27.54 12.54
N LEU A 206 6.79 26.30 12.14
CA LEU A 206 7.25 25.98 10.81
C LEU A 206 6.28 26.37 9.74
N ALA A 207 5.01 26.23 10.02
CA ALA A 207 4.02 26.49 9.04
C ALA A 207 4.09 27.94 8.61
N LYS A 208 4.21 28.84 9.58
CA LYS A 208 4.32 30.24 9.30
C LYS A 208 5.57 30.47 8.54
N ARG A 209 6.60 29.76 8.94
CA ARG A 209 7.85 29.96 8.31
C ARG A 209 7.76 29.63 6.86
N TYR A 210 7.17 28.49 6.54
CA TYR A 210 7.16 28.05 5.16
C TYR A 210 5.93 28.41 4.37
N PHE A 211 4.77 28.38 5.02
CA PHE A 211 3.53 28.66 4.33
C PHE A 211 3.01 30.08 4.51
N GLY A 212 3.47 30.76 5.54
CA GLY A 212 2.87 31.99 5.98
C GLY A 212 2.90 33.05 4.94
N GLU A 213 3.96 32.98 4.16
CA GLU A 213 4.28 33.90 3.10
C GLU A 213 3.27 33.88 1.99
N ILE A 214 2.72 32.70 1.77
CA ILE A 214 1.84 32.46 0.65
C ILE A 214 0.53 33.14 0.88
N PRO A 215 0.13 33.94 -0.21
CA PRO A 215 -1.08 34.71 0.06
C PRO A 215 -2.37 34.06 -0.32
N TRP A 216 -3.43 34.46 0.33
CA TRP A 216 -4.76 34.00 0.11
C TRP A 216 -5.19 34.37 -1.29
N ARG A 217 -5.94 33.50 -1.94
CA ARG A 217 -6.41 33.73 -3.29
C ARG A 217 -7.89 33.49 -3.31
N GLN A 218 -8.65 34.31 -4.04
CA GLN A 218 -10.07 34.10 -4.17
C GLN A 218 -10.33 32.83 -4.91
N LEU A 219 -11.33 32.11 -4.47
CA LEU A 219 -11.56 30.83 -4.98
C LEU A 219 -12.73 30.90 -5.87
N PRO A 220 -12.87 29.91 -6.72
CA PRO A 220 -14.09 29.77 -7.49
C PRO A 220 -15.17 29.23 -6.60
N PRO A 221 -16.40 29.33 -7.01
CA PRO A 221 -17.48 28.82 -6.21
C PRO A 221 -17.44 27.33 -6.17
N ALA A 222 -17.67 26.76 -5.01
CA ALA A 222 -17.70 25.33 -4.89
C ALA A 222 -19.00 24.85 -4.30
N ARG A 223 -19.68 23.99 -5.02
CA ARG A 223 -20.94 23.47 -4.57
C ARG A 223 -20.92 21.99 -4.27
N LYS A 224 -21.57 21.57 -3.21
CA LYS A 224 -21.58 20.17 -2.83
C LYS A 224 -22.20 19.45 -3.98
N PRO A 225 -21.76 18.25 -4.29
CA PRO A 225 -22.35 17.53 -5.40
C PRO A 225 -23.59 16.78 -4.98
N LEU A 226 -24.69 17.48 -4.96
CA LEU A 226 -26.00 16.94 -4.72
C LEU A 226 -26.58 16.32 -5.95
N GLU A 227 -27.40 15.34 -5.73
CA GLU A 227 -27.93 14.55 -6.79
C GLU A 227 -29.43 14.55 -6.57
N LEU A 228 -30.18 14.11 -7.56
CA LEU A 228 -31.59 13.96 -7.39
C LEU A 228 -31.79 12.88 -6.39
N ALA A 229 -32.78 13.02 -5.54
CA ALA A 229 -33.18 11.97 -4.65
C ALA A 229 -33.74 10.75 -5.34
N GLU A 230 -34.61 10.94 -6.32
CA GLU A 230 -35.18 9.83 -7.02
C GLU A 230 -35.02 9.99 -8.50
N PRO A 231 -33.89 9.63 -9.06
CA PRO A 231 -33.62 9.80 -10.47
C PRO A 231 -34.43 8.93 -11.41
N GLY A 232 -35.02 7.87 -10.91
CA GLY A 232 -35.65 6.89 -11.76
C GLY A 232 -34.84 5.63 -11.84
N GLU A 233 -35.34 4.66 -12.56
CA GLU A 233 -34.74 3.35 -12.62
C GLU A 233 -33.92 3.29 -13.86
N ARG A 234 -32.63 3.10 -13.73
CA ARG A 234 -31.74 3.01 -14.87
C ARG A 234 -31.14 1.63 -14.91
N ARG A 235 -31.26 0.95 -16.02
CA ARG A 235 -30.65 -0.34 -16.20
C ARG A 235 -29.64 -0.29 -17.32
N LEU A 236 -28.43 -0.82 -17.10
CA LEU A 236 -27.36 -0.82 -18.10
C LEU A 236 -26.97 -2.20 -18.49
N LYS A 237 -26.66 -2.39 -19.76
CA LYS A 237 -26.11 -3.62 -20.23
C LYS A 237 -24.83 -3.35 -20.95
N LEU A 238 -23.73 -3.91 -20.49
CA LEU A 238 -22.45 -3.70 -21.10
C LEU A 238 -21.76 -4.99 -21.42
N TYR A 239 -21.23 -5.08 -22.62
CA TYR A 239 -20.48 -6.22 -23.03
C TYR A 239 -19.01 -5.89 -23.02
N VAL A 240 -18.26 -6.66 -22.28
CA VAL A 240 -16.87 -6.36 -22.06
C VAL A 240 -16.07 -7.61 -22.13
N ARG A 241 -14.77 -7.42 -22.17
CA ARG A 241 -13.88 -8.53 -22.29
C ARG A 241 -13.66 -9.11 -20.93
N THR A 242 -14.64 -9.83 -20.44
CA THR A 242 -14.56 -10.40 -19.13
C THR A 242 -14.96 -11.84 -19.29
N GLN A 243 -14.62 -12.69 -18.34
CA GLN A 243 -15.04 -14.05 -18.42
C GLN A 243 -16.22 -14.34 -17.57
N LEU A 244 -16.43 -13.50 -16.58
CA LEU A 244 -17.53 -13.72 -15.67
C LEU A 244 -18.61 -12.65 -15.66
N PRO A 245 -19.83 -13.06 -15.90
CA PRO A 245 -20.96 -12.14 -15.84
C PRO A 245 -21.18 -11.62 -14.45
N ASN A 246 -21.55 -10.36 -14.28
CA ASN A 246 -21.74 -9.83 -12.96
C ASN A 246 -22.67 -8.66 -12.87
N LEU A 247 -23.17 -8.41 -11.67
CA LEU A 247 -24.23 -7.48 -11.44
C LEU A 247 -23.78 -6.39 -10.55
N ILE A 248 -24.11 -5.17 -10.90
CA ILE A 248 -23.84 -4.05 -10.05
C ILE A 248 -25.15 -3.34 -9.78
N MET A 249 -25.48 -3.13 -8.53
CA MET A 249 -26.63 -2.33 -8.17
C MET A 249 -26.24 -1.17 -7.28
N GLY A 250 -26.67 0.02 -7.62
CA GLY A 250 -26.38 1.18 -6.82
C GLY A 250 -27.61 1.96 -6.43
N PHE A 251 -27.68 2.41 -5.20
CA PHE A 251 -28.79 3.24 -4.77
C PHE A 251 -28.38 4.65 -4.39
N ASN A 252 -29.01 5.64 -4.96
CA ASN A 252 -28.68 7.01 -4.64
C ASN A 252 -29.09 7.36 -3.25
N VAL A 253 -28.18 7.90 -2.49
CA VAL A 253 -28.38 8.09 -1.08
C VAL A 253 -27.64 9.28 -0.58
N PRO A 254 -27.91 9.69 0.64
CA PRO A 254 -27.15 10.74 1.29
C PRO A 254 -25.83 10.31 1.89
N SER A 255 -25.03 11.27 2.26
CA SER A 255 -23.83 11.06 3.00
C SER A 255 -23.81 12.12 4.06
N LEU A 256 -22.84 12.07 4.95
CA LEU A 256 -22.71 13.03 6.01
C LEU A 256 -22.45 14.42 5.48
N GLY A 257 -21.92 14.51 4.28
CA GLY A 257 -21.74 15.76 3.62
C GLY A 257 -23.04 16.45 3.32
N SER A 258 -24.06 15.67 3.07
CA SER A 258 -25.32 16.16 2.58
C SER A 258 -26.55 15.88 3.39
N SER A 259 -26.42 15.34 4.59
CA SER A 259 -27.58 14.86 5.28
C SER A 259 -27.99 15.63 6.50
N GLU A 260 -29.26 16.01 6.57
CA GLU A 260 -29.75 16.65 7.78
C GLU A 260 -29.96 15.61 8.88
N ASN A 261 -30.31 14.37 8.51
CA ASN A 261 -30.30 13.34 9.51
C ASN A 261 -29.13 12.39 9.42
N PRO A 262 -28.14 12.58 10.27
CA PRO A 262 -27.00 11.70 10.32
C PRO A 262 -27.36 10.30 10.71
N ARG A 263 -28.46 10.10 11.39
CA ARG A 263 -28.82 8.79 11.85
C ARG A 263 -29.06 7.84 10.70
N GLU A 264 -29.72 8.32 9.67
CA GLU A 264 -30.02 7.49 8.54
C GLU A 264 -28.76 7.05 7.82
N VAL A 265 -27.77 7.92 7.74
CA VAL A 265 -26.52 7.57 7.13
C VAL A 265 -25.86 6.46 7.91
N ASN A 266 -25.80 6.62 9.20
CA ASN A 266 -25.15 5.64 10.01
C ASN A 266 -25.87 4.34 9.95
N ALA A 267 -27.17 4.41 9.77
CA ALA A 267 -27.99 3.26 9.54
C ALA A 267 -27.64 2.58 8.23
N LEU A 268 -27.33 3.34 7.23
CA LEU A 268 -26.84 2.78 5.99
C LEU A 268 -25.49 2.08 6.08
N ARG A 269 -24.59 2.61 6.87
CA ARG A 269 -23.30 2.00 7.06
C ARG A 269 -23.47 0.65 7.71
N LEU A 270 -24.32 0.62 8.71
CA LEU A 270 -24.65 -0.58 9.41
C LEU A 270 -25.30 -1.59 8.50
N ILE A 271 -26.13 -1.15 7.58
CA ILE A 271 -26.76 -2.07 6.65
C ILE A 271 -25.75 -2.76 5.78
N GLY A 272 -24.73 -2.05 5.35
CA GLY A 272 -23.71 -2.68 4.56
C GLY A 272 -23.01 -3.77 5.29
N ALA A 273 -22.73 -3.52 6.54
CA ALA A 273 -22.09 -4.48 7.39
C ALA A 273 -22.92 -5.71 7.61
N LEU A 274 -24.21 -5.52 7.75
CA LEU A 274 -25.13 -6.61 7.88
C LEU A 274 -25.16 -7.48 6.65
N LEU A 275 -25.12 -6.87 5.50
CA LEU A 275 -25.09 -7.60 4.26
C LEU A 275 -23.80 -8.31 3.86
N ASP A 276 -22.69 -7.58 3.94
CA ASP A 276 -21.42 -7.96 3.36
C ASP A 276 -20.32 -8.31 4.33
N GLY A 277 -20.36 -7.86 5.55
CA GLY A 277 -19.17 -8.12 6.33
C GLY A 277 -19.17 -9.39 7.13
N GLY A 278 -18.51 -10.42 6.64
CA GLY A 278 -18.42 -11.64 7.38
C GLY A 278 -19.12 -12.86 6.86
N TYR A 279 -18.76 -13.99 7.43
CA TYR A 279 -19.25 -15.29 7.06
C TYR A 279 -20.72 -15.44 7.35
N SER A 280 -21.12 -14.88 8.47
CA SER A 280 -22.46 -14.98 8.96
C SER A 280 -23.33 -13.84 8.51
N ALA A 281 -22.73 -12.92 7.77
CA ALA A 281 -23.44 -11.83 7.18
C ALA A 281 -24.42 -12.38 6.17
N ARG A 282 -25.46 -11.61 5.89
CA ARG A 282 -26.62 -12.11 5.18
C ARG A 282 -26.39 -12.62 3.80
N LEU A 283 -25.64 -11.89 3.00
CA LEU A 283 -25.45 -12.30 1.66
C LEU A 283 -24.71 -13.62 1.57
N ALA A 284 -23.70 -13.79 2.39
CA ALA A 284 -22.98 -15.04 2.36
C ALA A 284 -23.79 -16.23 2.79
N SER A 285 -24.39 -16.13 3.95
CA SER A 285 -25.15 -17.23 4.45
C SER A 285 -26.33 -17.53 3.59
N ARG A 286 -27.11 -16.51 3.32
CA ARG A 286 -28.26 -16.67 2.48
C ARG A 286 -28.09 -16.92 1.00
N LEU A 287 -27.21 -16.19 0.31
CA LEU A 287 -27.12 -16.33 -1.13
C LEU A 287 -25.98 -17.13 -1.68
N GLU A 288 -24.81 -16.95 -1.11
CA GLU A 288 -23.64 -17.77 -1.38
C GLU A 288 -23.73 -19.20 -0.90
N ARG A 289 -24.08 -19.33 0.36
CA ARG A 289 -24.37 -20.61 0.91
C ARG A 289 -25.86 -20.60 0.91
N GLY A 290 -26.52 -21.71 1.16
CA GLY A 290 -27.91 -21.68 1.51
C GLY A 290 -28.86 -21.45 0.37
N GLU A 291 -28.33 -21.21 -0.81
CA GLU A 291 -29.16 -21.01 -1.96
C GLU A 291 -28.30 -21.09 -3.17
N GLU A 292 -27.04 -20.79 -3.00
CA GLU A 292 -26.05 -20.92 -4.04
C GLU A 292 -26.32 -20.02 -5.20
N LEU A 293 -27.01 -18.93 -4.96
CA LEU A 293 -27.29 -17.97 -6.00
C LEU A 293 -26.07 -17.25 -6.59
N VAL A 294 -25.16 -16.84 -5.74
CA VAL A 294 -24.06 -16.05 -6.17
C VAL A 294 -22.77 -16.77 -5.87
N ALA A 295 -21.76 -16.57 -6.68
CA ALA A 295 -20.40 -16.91 -6.36
C ALA A 295 -19.78 -16.06 -5.29
N GLY A 296 -20.02 -14.76 -5.36
CA GLY A 296 -19.58 -13.81 -4.36
C GLY A 296 -20.47 -12.62 -4.43
N ALA A 297 -20.54 -11.85 -3.36
CA ALA A 297 -21.32 -10.65 -3.33
C ALA A 297 -20.74 -9.67 -2.35
N SER A 298 -20.72 -8.41 -2.69
CA SER A 298 -20.19 -7.39 -1.83
C SER A 298 -21.00 -6.14 -1.77
N THR A 299 -20.62 -5.24 -0.89
CA THR A 299 -21.21 -3.95 -0.78
C THR A 299 -20.16 -2.92 -0.54
N TYR A 300 -20.39 -1.72 -1.05
CA TYR A 300 -19.55 -0.62 -0.73
C TYR A 300 -20.41 0.61 -0.57
N TYR A 301 -20.23 1.36 0.50
CA TYR A 301 -20.89 2.65 0.67
C TYR A 301 -19.96 3.63 1.36
N ASP A 302 -19.63 4.74 0.74
CA ASP A 302 -18.83 5.75 1.40
C ASP A 302 -19.72 6.81 2.01
N ALA A 303 -19.71 6.88 3.32
CA ALA A 303 -20.55 7.76 4.06
C ALA A 303 -19.93 9.11 4.27
N PHE A 304 -18.70 9.28 3.82
CA PHE A 304 -17.96 10.49 4.07
C PHE A 304 -17.68 11.36 2.87
N ASN A 305 -18.67 11.52 2.02
CA ASN A 305 -18.60 12.42 0.88
C ASN A 305 -18.91 13.87 1.14
N ARG A 306 -18.40 14.70 0.29
CA ARG A 306 -18.66 16.10 0.28
C ARG A 306 -20.12 16.32 0.05
N GLY A 307 -20.66 15.55 -0.86
CA GLY A 307 -22.06 15.58 -1.19
C GLY A 307 -22.67 14.24 -0.98
N ASP A 308 -23.54 13.87 -1.89
CA ASP A 308 -24.28 12.63 -1.88
C ASP A 308 -23.48 11.41 -2.25
N SER A 309 -24.09 10.26 -2.14
CA SER A 309 -23.39 9.02 -2.23
C SER A 309 -24.21 7.90 -2.82
N LEU A 310 -23.59 6.75 -2.90
CA LEU A 310 -24.13 5.59 -3.54
C LEU A 310 -23.98 4.39 -2.64
N PHE A 311 -25.01 3.59 -2.52
CA PHE A 311 -24.94 2.35 -1.79
C PHE A 311 -24.87 1.25 -2.79
N VAL A 312 -23.78 0.51 -2.77
CA VAL A 312 -23.48 -0.38 -3.86
C VAL A 312 -23.47 -1.86 -3.55
N LEU A 313 -24.01 -2.62 -4.47
CA LEU A 313 -24.04 -4.05 -4.35
C LEU A 313 -23.34 -4.70 -5.52
N SER A 314 -22.56 -5.71 -5.24
CA SER A 314 -21.89 -6.45 -6.27
C SER A 314 -22.04 -7.95 -6.10
N ALA A 315 -22.50 -8.65 -7.12
CA ALA A 315 -22.57 -10.07 -7.02
C ALA A 315 -22.21 -10.67 -8.33
N THR A 316 -21.64 -11.84 -8.30
CA THR A 316 -21.41 -12.57 -9.51
C THR A 316 -22.19 -13.85 -9.35
N PRO A 317 -22.77 -14.36 -10.42
CA PRO A 317 -23.68 -15.49 -10.33
C PRO A 317 -23.00 -16.81 -10.13
N ASN A 318 -23.68 -17.79 -9.56
CA ASN A 318 -23.06 -19.07 -9.39
C ASN A 318 -23.22 -19.70 -10.73
N VAL A 319 -22.16 -19.61 -11.50
CA VAL A 319 -22.14 -20.10 -12.85
C VAL A 319 -22.25 -21.60 -12.95
N GLN A 320 -21.81 -22.28 -11.92
CA GLN A 320 -21.82 -23.72 -11.91
C GLN A 320 -23.24 -24.23 -11.98
N LYS A 321 -24.16 -23.54 -11.34
CA LYS A 321 -25.54 -23.95 -11.32
C LYS A 321 -26.28 -23.27 -12.43
N GLY A 322 -25.56 -22.61 -13.33
CA GLY A 322 -26.19 -21.89 -14.41
C GLY A 322 -27.15 -20.81 -14.01
N LYS A 323 -26.81 -20.08 -12.96
CA LYS A 323 -27.68 -19.04 -12.47
C LYS A 323 -27.54 -17.78 -13.28
N THR A 324 -28.66 -17.19 -13.66
CA THR A 324 -28.67 -15.96 -14.43
C THR A 324 -28.53 -14.69 -13.60
N LEU A 325 -28.15 -13.59 -14.25
CA LEU A 325 -28.08 -12.29 -13.63
C LEU A 325 -29.43 -11.86 -13.19
N GLU A 326 -30.42 -12.26 -13.91
CA GLU A 326 -31.78 -11.95 -13.53
C GLU A 326 -32.19 -12.58 -12.22
N GLN A 327 -31.77 -13.80 -12.00
CA GLN A 327 -31.93 -14.46 -10.73
C GLN A 327 -31.17 -13.82 -9.59
N VAL A 328 -29.99 -13.34 -9.87
CA VAL A 328 -29.22 -12.73 -8.82
C VAL A 328 -29.97 -11.52 -8.34
N GLU A 329 -30.45 -10.75 -9.27
CA GLU A 329 -31.13 -9.54 -8.93
C GLU A 329 -32.37 -9.80 -8.13
N ALA A 330 -33.06 -10.87 -8.48
CA ALA A 330 -34.22 -11.29 -7.75
C ALA A 330 -33.88 -11.67 -6.35
N GLY A 331 -32.76 -12.35 -6.19
CA GLY A 331 -32.25 -12.69 -4.89
C GLY A 331 -31.82 -11.53 -4.02
N LEU A 332 -31.15 -10.56 -4.59
CA LEU A 332 -30.78 -9.39 -3.85
C LEU A 332 -31.97 -8.58 -3.39
N TRP A 333 -32.97 -8.44 -4.21
CA TRP A 333 -34.15 -7.69 -3.84
C TRP A 333 -34.82 -8.37 -2.67
N LYS A 334 -34.80 -9.68 -2.65
CA LYS A 334 -35.41 -10.42 -1.59
C LYS A 334 -34.76 -10.10 -0.27
N GLN A 335 -33.45 -10.08 -0.26
CA GLN A 335 -32.71 -9.70 0.90
C GLN A 335 -32.92 -8.27 1.32
N LEU A 336 -32.99 -7.36 0.37
CA LEU A 336 -33.34 -6.00 0.68
C LEU A 336 -34.73 -5.86 1.22
N ASP A 337 -35.68 -6.62 0.70
CA ASP A 337 -37.03 -6.61 1.21
C ASP A 337 -37.12 -7.09 2.64
N ASP A 338 -36.31 -8.06 2.98
CA ASP A 338 -36.36 -8.62 4.28
C ASP A 338 -36.06 -7.55 5.29
N LEU A 339 -35.12 -6.70 4.99
CA LEU A 339 -34.80 -5.63 5.87
C LEU A 339 -35.96 -4.70 6.05
N LYS A 340 -36.67 -4.42 4.98
CA LYS A 340 -37.81 -3.55 5.05
C LYS A 340 -38.90 -4.14 5.88
N GLN A 341 -39.18 -5.42 5.64
CA GLN A 341 -40.17 -6.16 6.39
C GLN A 341 -39.82 -6.45 7.83
N ASN A 342 -38.60 -6.88 8.07
CA ASN A 342 -38.22 -7.30 9.41
C ASN A 342 -37.01 -6.60 9.97
N PRO A 343 -37.22 -5.80 10.98
CA PRO A 343 -36.10 -5.14 11.63
C PRO A 343 -35.18 -6.20 12.16
N PRO A 344 -33.89 -6.06 11.94
CA PRO A 344 -32.92 -7.01 12.44
C PRO A 344 -32.75 -6.94 13.95
N SER A 345 -32.44 -8.05 14.58
CA SER A 345 -32.24 -8.06 16.01
C SER A 345 -30.96 -7.42 16.45
N ALA A 346 -31.02 -6.84 17.64
CA ALA A 346 -29.88 -6.19 18.21
C ALA A 346 -28.82 -7.22 18.42
N ALA A 347 -29.21 -8.47 18.52
CA ALA A 347 -28.23 -9.50 18.58
C ALA A 347 -27.47 -9.50 17.30
N GLU A 348 -28.15 -9.41 16.18
CA GLU A 348 -27.45 -9.28 14.92
C GLU A 348 -26.71 -7.98 14.77
N ILE A 349 -27.32 -6.88 15.13
CA ILE A 349 -26.72 -5.58 14.92
C ILE A 349 -25.47 -5.39 15.73
N GLU A 350 -25.50 -5.82 16.96
CA GLU A 350 -24.37 -5.64 17.81
C GLU A 350 -23.16 -6.41 17.35
N ARG A 351 -23.35 -7.63 16.90
CA ARG A 351 -22.23 -8.42 16.45
C ARG A 351 -21.64 -7.70 15.29
N VAL A 352 -22.50 -7.24 14.41
CA VAL A 352 -22.09 -6.50 13.25
C VAL A 352 -21.50 -5.13 13.56
N ARG A 353 -22.08 -4.43 14.50
CA ARG A 353 -21.55 -3.14 14.88
C ARG A 353 -20.21 -3.25 15.53
N ALA A 354 -20.04 -4.25 16.36
CA ALA A 354 -18.84 -4.35 17.14
C ALA A 354 -17.64 -4.56 16.29
N GLN A 355 -17.79 -5.42 15.33
CA GLN A 355 -16.72 -5.71 14.42
C GLN A 355 -16.34 -4.55 13.54
N MET A 356 -17.29 -3.72 13.21
CA MET A 356 -17.03 -2.51 12.49
C MET A 356 -16.19 -1.56 13.29
N ILE A 357 -16.53 -1.43 14.55
CA ILE A 357 -15.79 -0.58 15.42
C ILE A 357 -14.39 -1.10 15.60
N ALA A 358 -14.29 -2.41 15.76
CA ALA A 358 -13.03 -3.02 16.05
C ALA A 358 -12.07 -2.79 14.93
N GLY A 359 -12.53 -2.98 13.72
CA GLY A 359 -11.71 -2.76 12.55
C GLY A 359 -11.29 -1.33 12.41
N MET A 360 -12.22 -0.45 12.70
CA MET A 360 -11.94 0.97 12.67
C MET A 360 -10.94 1.35 13.71
N VAL A 361 -11.05 0.78 14.89
CA VAL A 361 -10.11 1.04 15.95
C VAL A 361 -8.72 0.60 15.54
N TYR A 362 -8.66 -0.45 14.76
CA TYR A 362 -7.41 -1.02 14.43
C TYR A 362 -6.63 -0.01 13.66
N GLU A 363 -7.31 0.73 12.80
CA GLU A 363 -6.66 1.75 12.04
C GLU A 363 -6.22 2.87 12.88
N LYS A 364 -6.79 2.99 14.07
CA LYS A 364 -6.63 4.21 14.80
C LYS A 364 -5.18 4.35 14.99
N ASP A 365 -4.60 3.30 15.50
CA ASP A 365 -3.19 3.24 15.72
C ASP A 365 -2.74 3.31 14.30
N SER A 366 -1.57 3.85 14.09
CA SER A 366 -1.05 4.23 12.80
C SER A 366 -1.26 5.69 12.60
N ILE A 367 -0.19 6.43 12.75
CA ILE A 367 -0.25 7.85 12.66
C ILE A 367 -0.70 8.27 11.27
N ALA A 368 -0.36 7.48 10.27
CA ALA A 368 -0.77 7.76 8.91
C ALA A 368 -2.27 7.70 8.71
N ALA A 369 -2.92 6.72 9.28
CA ALA A 369 -4.34 6.61 9.19
C ALA A 369 -5.05 7.74 9.90
N GLN A 370 -4.56 8.14 11.05
CA GLN A 370 -5.18 9.20 11.78
C GLN A 370 -5.08 10.44 10.98
N ALA A 371 -3.94 10.65 10.37
CA ALA A 371 -3.73 11.80 9.53
C ALA A 371 -4.64 11.84 8.33
N SER A 372 -4.82 10.72 7.66
CA SER A 372 -5.76 10.63 6.60
C SER A 372 -7.21 10.82 7.00
N SER A 373 -7.59 10.31 8.15
CA SER A 373 -8.93 10.50 8.62
C SER A 373 -9.17 11.96 8.83
N ILE A 374 -8.18 12.65 9.33
CA ILE A 374 -8.30 14.05 9.59
C ILE A 374 -8.40 14.82 8.29
N GLY A 375 -7.66 14.42 7.28
CA GLY A 375 -7.61 15.16 6.05
C GLY A 375 -8.78 14.92 5.15
N GLN A 376 -9.25 13.71 5.14
CA GLN A 376 -10.40 13.35 4.38
C GLN A 376 -11.59 14.19 4.77
N LEU A 377 -11.91 14.19 6.04
CA LEU A 377 -13.12 14.71 6.59
C LEU A 377 -13.07 16.19 6.41
N GLU A 378 -11.93 16.76 6.68
CA GLU A 378 -11.70 18.16 6.53
C GLU A 378 -11.76 18.68 5.10
N SER A 379 -11.48 17.83 4.14
CA SER A 379 -11.56 18.23 2.77
C SER A 379 -12.97 18.17 2.27
N VAL A 380 -13.84 17.58 3.06
CA VAL A 380 -15.15 17.27 2.64
C VAL A 380 -16.18 18.13 3.38
N GLY A 381 -15.72 19.10 4.14
CA GLY A 381 -16.61 19.91 4.92
C GLY A 381 -17.07 19.36 6.26
N LEU A 382 -16.40 18.36 6.77
CA LEU A 382 -16.80 17.77 8.00
C LEU A 382 -15.64 18.00 8.93
N SER A 383 -15.92 18.25 10.20
CA SER A 383 -14.88 18.45 11.18
C SER A 383 -14.15 17.20 11.53
N TRP A 384 -12.91 17.31 11.97
CA TRP A 384 -12.20 16.15 12.44
C TRP A 384 -12.73 15.66 13.76
N LYS A 385 -13.50 16.48 14.44
CA LYS A 385 -14.00 16.16 15.75
C LYS A 385 -14.90 14.99 15.69
N LEU A 386 -15.33 14.68 14.49
CA LEU A 386 -16.26 13.61 14.26
C LEU A 386 -15.72 12.28 14.67
N ILE A 387 -14.45 12.06 14.42
CA ILE A 387 -13.91 10.74 14.52
C ILE A 387 -14.18 10.27 15.92
N ASP A 388 -13.96 11.14 16.88
CA ASP A 388 -14.13 10.74 18.25
C ASP A 388 -15.57 10.36 18.52
N GLN A 389 -16.50 11.06 17.91
CA GLN A 389 -17.88 10.80 18.22
C GLN A 389 -18.50 9.78 17.29
N ASP A 390 -17.72 9.31 16.34
CA ASP A 390 -18.23 8.42 15.35
C ASP A 390 -18.70 7.17 15.98
N LEU A 391 -17.95 6.69 16.97
CA LEU A 391 -18.23 5.42 17.65
C LEU A 391 -19.44 5.51 18.59
N GLU A 392 -19.83 6.74 18.94
CA GLU A 392 -21.02 6.98 19.67
C GLU A 392 -22.16 6.98 18.72
N ALA A 393 -21.91 7.56 17.55
CA ALA A 393 -22.91 7.67 16.53
C ALA A 393 -23.35 6.33 16.02
N LEU A 394 -22.43 5.41 15.88
CA LEU A 394 -22.75 4.10 15.40
C LEU A 394 -23.62 3.41 16.41
N LYS A 395 -23.35 3.70 17.65
CA LYS A 395 -24.04 3.13 18.77
C LYS A 395 -25.49 3.51 18.78
N ALA A 396 -25.79 4.72 18.37
CA ALA A 396 -27.15 5.23 18.37
C ALA A 396 -28.11 4.52 17.43
N VAL A 397 -27.59 3.86 16.42
CA VAL A 397 -28.45 3.22 15.47
C VAL A 397 -29.23 2.13 16.12
N THR A 398 -30.52 2.11 15.87
CA THR A 398 -31.42 1.15 16.47
C THR A 398 -32.07 0.37 15.38
N PRO A 399 -32.63 -0.79 15.69
CA PRO A 399 -33.10 -1.67 14.67
C PRO A 399 -34.14 -0.99 13.84
N ASP A 400 -34.84 -0.07 14.46
CA ASP A 400 -35.84 0.73 13.80
C ASP A 400 -35.26 1.67 12.77
N ASP A 401 -34.12 2.26 13.08
CA ASP A 401 -33.46 3.17 12.17
C ASP A 401 -33.10 2.44 10.92
N ILE A 402 -32.62 1.23 11.10
CA ILE A 402 -32.19 0.43 10.01
C ILE A 402 -33.34 0.13 9.12
N GLN A 403 -34.45 -0.32 9.69
CA GLN A 403 -35.59 -0.70 8.87
C GLN A 403 -36.08 0.52 8.14
N LYS A 404 -36.12 1.64 8.82
CA LYS A 404 -36.55 2.86 8.20
C LYS A 404 -35.70 3.30 7.05
N ALA A 405 -34.39 3.23 7.18
CA ALA A 405 -33.53 3.61 6.08
C ALA A 405 -33.70 2.71 4.90
N ALA A 406 -33.87 1.43 5.13
CA ALA A 406 -34.06 0.47 4.05
C ALA A 406 -35.32 0.69 3.28
N ARG A 407 -36.37 1.05 3.98
CA ARG A 407 -37.61 1.34 3.32
C ARG A 407 -37.51 2.55 2.46
N THR A 408 -36.82 3.54 2.97
CA THR A 408 -36.64 4.77 2.29
C THR A 408 -35.79 4.67 1.05
N TYR A 409 -34.66 4.00 1.14
CA TYR A 409 -33.69 4.07 0.09
C TYR A 409 -33.60 2.96 -0.92
N PHE A 410 -34.00 1.76 -0.55
CA PHE A 410 -33.91 0.69 -1.47
C PHE A 410 -35.14 0.61 -2.33
N THR A 411 -35.39 1.65 -3.07
CA THR A 411 -36.50 1.74 -3.94
C THR A 411 -36.02 1.71 -5.36
N PRO A 412 -36.81 1.23 -6.29
CA PRO A 412 -36.38 1.17 -7.67
C PRO A 412 -36.14 2.52 -8.23
N SER A 413 -36.76 3.53 -7.68
CA SER A 413 -36.59 4.88 -8.15
C SER A 413 -35.21 5.40 -7.89
N ARG A 414 -34.46 4.74 -7.05
CA ARG A 414 -33.16 5.21 -6.69
C ARG A 414 -32.07 4.34 -7.25
N LEU A 415 -32.45 3.39 -8.07
CA LEU A 415 -31.57 2.35 -8.51
C LEU A 415 -30.96 2.55 -9.88
N THR A 416 -29.65 2.34 -9.95
CA THR A 416 -28.93 2.11 -11.18
C THR A 416 -28.41 0.69 -11.11
N LEU A 417 -28.79 -0.11 -12.06
CA LEU A 417 -28.37 -1.48 -12.12
C LEU A 417 -27.66 -1.74 -13.43
N ALA A 418 -26.52 -2.38 -13.39
CA ALA A 418 -25.81 -2.70 -14.60
C ALA A 418 -25.40 -4.15 -14.74
N GLN A 419 -25.62 -4.74 -15.91
CA GLN A 419 -25.18 -6.09 -16.18
C GLN A 419 -23.92 -6.01 -16.97
N VAL A 420 -22.88 -6.64 -16.48
CA VAL A 420 -21.66 -6.65 -17.20
C VAL A 420 -21.47 -8.01 -17.78
N LEU A 421 -21.49 -8.09 -19.08
CA LEU A 421 -21.52 -9.37 -19.71
C LEU A 421 -20.34 -9.64 -20.57
N PRO A 422 -20.02 -10.91 -20.69
CA PRO A 422 -18.91 -11.33 -21.53
C PRO A 422 -19.27 -11.28 -22.96
N VAL A 423 -18.36 -10.83 -23.79
CA VAL A 423 -18.56 -10.91 -25.21
C VAL A 423 -17.64 -11.93 -25.87
N PRO B 6 2.50 -18.67 22.57
CA PRO B 6 1.16 -18.59 22.03
C PRO B 6 1.16 -18.83 20.57
N THR B 7 2.23 -19.39 20.05
CA THR B 7 2.36 -19.61 18.63
C THR B 7 2.51 -21.08 18.32
N HIS B 8 1.67 -21.59 17.43
CA HIS B 8 1.65 -23.00 17.10
C HIS B 8 1.76 -23.27 15.62
N GLU B 9 2.46 -24.32 15.25
CA GLU B 9 2.56 -24.67 13.86
C GLU B 9 2.09 -26.06 13.65
N PHE B 10 1.43 -26.29 12.53
CA PHE B 10 1.08 -27.60 12.08
C PHE B 10 1.09 -27.66 10.58
N SER B 11 1.20 -28.84 10.04
CA SER B 11 1.19 -28.99 8.62
C SER B 11 0.07 -29.88 8.24
N LEU B 12 -0.60 -29.56 7.16
CA LEU B 12 -1.59 -30.42 6.58
C LEU B 12 -0.90 -31.46 5.74
N ASP B 13 -1.62 -32.49 5.36
CA ASP B 13 -1.03 -33.58 4.66
C ASP B 13 -0.62 -33.25 3.25
N ASN B 14 -1.03 -32.10 2.75
CA ASN B 14 -0.57 -31.70 1.47
C ASN B 14 0.69 -30.88 1.61
N GLY B 15 1.15 -30.73 2.83
CA GLY B 15 2.38 -30.06 3.09
C GLY B 15 2.33 -28.58 3.29
N LEU B 16 1.15 -28.01 3.24
CA LEU B 16 0.98 -26.64 3.61
C LEU B 16 1.25 -26.47 5.07
N LYS B 17 1.97 -25.43 5.41
CA LYS B 17 2.36 -25.20 6.77
C LYS B 17 1.53 -24.08 7.31
N VAL B 18 1.03 -24.26 8.51
CA VAL B 18 0.20 -23.25 9.12
C VAL B 18 0.75 -22.81 10.44
N ILE B 19 0.87 -21.53 10.61
CA ILE B 19 1.30 -20.99 11.87
C ILE B 19 0.27 -20.00 12.40
N VAL B 20 -0.18 -20.25 13.61
CA VAL B 20 -1.19 -19.42 14.19
C VAL B 20 -0.65 -18.82 15.43
N ARG B 21 -0.87 -17.55 15.60
CA ARG B 21 -0.48 -16.88 16.81
C ARG B 21 -1.67 -16.18 17.40
N GLU B 22 -2.02 -16.54 18.61
CA GLU B 22 -3.23 -16.09 19.25
C GLU B 22 -3.04 -14.81 20.00
N ASP B 23 -3.74 -13.76 19.58
CA ASP B 23 -3.76 -12.48 20.25
C ASP B 23 -5.19 -12.02 20.37
N HIS B 24 -5.65 -11.74 21.57
CA HIS B 24 -7.04 -11.46 21.76
C HIS B 24 -7.39 -10.05 22.14
N ARG B 25 -6.45 -9.15 21.96
CA ARG B 25 -6.72 -7.81 22.37
C ARG B 25 -7.88 -7.30 21.62
N ALA B 26 -7.96 -7.60 20.34
CA ALA B 26 -9.01 -7.05 19.52
C ALA B 26 -9.53 -8.08 18.60
N PRO B 27 -10.79 -8.03 18.21
CA PRO B 27 -11.34 -9.06 17.35
C PRO B 27 -11.01 -8.86 15.86
N VAL B 28 -9.73 -8.71 15.61
CA VAL B 28 -9.23 -8.54 14.30
C VAL B 28 -8.23 -9.64 14.04
N VAL B 29 -8.12 -10.06 12.80
CA VAL B 29 -7.18 -11.09 12.47
C VAL B 29 -6.44 -10.78 11.19
N VAL B 30 -5.21 -11.24 11.13
CA VAL B 30 -4.38 -11.04 9.97
C VAL B 30 -4.25 -12.38 9.30
N SER B 31 -4.45 -12.41 8.01
CA SER B 31 -4.22 -13.61 7.28
C SER B 31 -3.28 -13.36 6.14
N GLN B 32 -2.22 -14.13 6.09
CA GLN B 32 -1.20 -13.92 5.10
C GLN B 32 -0.83 -15.21 4.45
N LEU B 33 -0.62 -15.19 3.16
CA LEU B 33 -0.14 -16.35 2.49
C LEU B 33 1.17 -16.12 1.78
N TRP B 34 2.15 -16.95 2.12
CA TRP B 34 3.51 -16.82 1.66
C TRP B 34 3.96 -17.98 0.79
N TYR B 35 4.42 -17.68 -0.40
CA TYR B 35 4.93 -18.66 -1.35
C TYR B 35 6.39 -18.54 -1.49
N ARG B 36 7.10 -19.65 -1.57
CA ARG B 36 8.52 -19.59 -1.78
C ARG B 36 8.86 -19.51 -3.25
N ILE B 37 8.60 -18.37 -3.84
CA ILE B 37 8.97 -18.13 -5.19
C ILE B 37 9.25 -16.65 -5.39
N GLY B 38 10.32 -16.32 -6.07
CA GLY B 38 10.73 -14.97 -6.23
C GLY B 38 11.54 -14.75 -7.46
N SER B 39 11.97 -13.55 -7.67
CA SER B 39 12.80 -13.22 -8.79
C SER B 39 14.18 -13.86 -8.77
N SER B 40 14.64 -14.28 -7.61
CA SER B 40 15.90 -14.96 -7.47
C SER B 40 15.89 -16.36 -8.06
N TYR B 41 14.70 -16.85 -8.36
CA TYR B 41 14.50 -18.17 -8.92
C TYR B 41 14.40 -18.15 -10.43
N GLU B 42 14.33 -16.98 -10.98
CA GLU B 42 14.03 -16.84 -12.36
C GLU B 42 15.17 -17.08 -13.31
N THR B 43 14.85 -17.74 -14.39
CA THR B 43 15.72 -17.96 -15.51
C THR B 43 15.91 -16.75 -16.36
N PRO B 44 17.08 -16.59 -16.95
CA PRO B 44 17.32 -15.48 -17.85
C PRO B 44 16.49 -15.55 -19.09
N GLY B 45 16.05 -14.40 -19.53
CA GLY B 45 15.13 -14.28 -20.61
C GLY B 45 13.72 -14.46 -20.13
N LEU B 46 13.54 -14.82 -18.89
CA LEU B 46 12.22 -15.02 -18.34
C LEU B 46 12.06 -14.37 -17.01
N THR B 47 12.71 -13.25 -16.83
CA THR B 47 12.56 -12.47 -15.64
C THR B 47 11.24 -11.75 -15.57
N GLY B 48 10.79 -11.46 -14.36
CA GLY B 48 9.53 -10.83 -14.12
C GLY B 48 8.35 -11.72 -13.88
N LEU B 49 8.51 -13.00 -14.03
CA LEU B 49 7.41 -13.91 -13.94
C LEU B 49 6.72 -13.96 -12.62
N SER B 50 7.49 -13.97 -11.56
CA SER B 50 6.91 -14.05 -10.25
C SER B 50 6.10 -12.84 -9.93
N HIS B 51 6.60 -11.68 -10.26
CA HIS B 51 5.88 -10.46 -10.10
C HIS B 51 4.64 -10.35 -10.99
N ALA B 52 4.75 -10.81 -12.22
CA ALA B 52 3.66 -10.78 -13.16
C ALA B 52 2.51 -11.66 -12.74
N LEU B 53 2.82 -12.81 -12.19
CA LEU B 53 1.81 -13.73 -11.72
C LEU B 53 0.99 -13.12 -10.62
N GLU B 54 1.66 -12.43 -9.72
CA GLU B 54 1.03 -11.82 -8.60
C GLU B 54 0.10 -10.72 -9.05
N HIS B 55 0.50 -10.03 -10.09
CA HIS B 55 -0.32 -9.05 -10.68
C HIS B 55 -1.62 -9.63 -11.18
N MET B 56 -1.55 -10.82 -11.72
CA MET B 56 -2.71 -11.46 -12.25
C MET B 56 -3.64 -12.03 -11.24
N MET B 57 -3.20 -12.26 -10.02
CA MET B 57 -4.05 -12.89 -9.04
C MET B 57 -5.20 -11.99 -8.66
N PHE B 58 -4.95 -10.70 -8.58
CA PHE B 58 -6.04 -9.75 -8.50
C PHE B 58 -6.67 -9.52 -9.86
N GLU B 80 -6.35 -5.95 2.08
CA GLU B 80 -6.06 -6.77 0.90
C GLU B 80 -4.78 -6.32 0.25
N ASN B 81 -3.80 -7.21 0.07
CA ASN B 81 -2.62 -6.84 -0.71
C ASN B 81 -1.60 -7.89 -1.05
N ALA B 82 -0.57 -7.54 -1.82
CA ALA B 82 0.44 -8.47 -2.29
C ALA B 82 1.78 -7.85 -2.52
N PHE B 83 2.83 -8.64 -2.36
CA PHE B 83 4.19 -8.19 -2.63
C PHE B 83 5.06 -9.29 -3.23
N THR B 84 5.88 -8.95 -4.20
CA THR B 84 6.85 -9.90 -4.73
C THR B 84 8.25 -9.40 -4.51
N THR B 85 9.12 -10.27 -4.07
CA THR B 85 10.51 -9.94 -3.86
C THR B 85 11.39 -10.98 -4.50
N ASP B 86 12.65 -10.95 -4.13
CA ASP B 86 13.64 -11.89 -4.57
C ASP B 86 13.31 -13.30 -4.14
N ASP B 87 12.83 -13.46 -2.93
CA ASP B 87 12.60 -14.78 -2.40
C ASP B 87 11.18 -15.26 -2.20
N TYR B 88 10.21 -14.37 -2.23
CA TYR B 88 8.87 -14.76 -1.86
C TYR B 88 7.80 -13.92 -2.47
N THR B 89 6.61 -14.46 -2.50
CA THR B 89 5.44 -13.70 -2.81
C THR B 89 4.43 -13.86 -1.72
N ALA B 90 3.94 -12.76 -1.17
CA ALA B 90 3.02 -12.79 -0.07
C ALA B 90 1.68 -12.19 -0.40
N TYR B 91 0.62 -12.81 0.04
CA TYR B 91 -0.69 -12.20 -0.05
C TYR B 91 -1.27 -12.00 1.35
N TYR B 92 -1.74 -10.80 1.64
CA TYR B 92 -2.19 -10.49 2.98
C TYR B 92 -3.39 -9.60 3.12
N GLN B 93 -4.19 -9.87 4.13
CA GLN B 93 -5.33 -9.07 4.50
C GLN B 93 -5.40 -8.87 6.00
N VAL B 94 -6.05 -7.81 6.43
CA VAL B 94 -6.37 -7.65 7.81
C VAL B 94 -7.87 -7.65 7.89
N LEU B 95 -8.42 -8.46 8.77
CA LEU B 95 -9.82 -8.80 8.73
C LEU B 95 -10.48 -8.73 10.05
N ALA B 96 -11.78 -8.54 10.04
CA ALA B 96 -12.59 -8.82 11.18
C ALA B 96 -12.69 -10.30 11.26
N ARG B 97 -12.77 -10.84 12.45
CA ARG B 97 -12.65 -12.25 12.61
C ARG B 97 -13.69 -13.05 11.89
N ASP B 98 -14.89 -12.53 11.81
CA ASP B 98 -15.96 -13.19 11.11
C ASP B 98 -15.63 -13.32 9.63
N ARG B 99 -14.83 -12.41 9.14
CA ARG B 99 -14.34 -12.39 7.78
C ARG B 99 -13.37 -13.48 7.42
N LEU B 100 -12.76 -14.08 8.41
CA LEU B 100 -11.63 -14.96 8.21
C LEU B 100 -11.96 -16.18 7.40
N PRO B 101 -13.12 -16.74 7.56
CA PRO B 101 -13.49 -17.87 6.73
C PRO B 101 -13.60 -17.53 5.26
N VAL B 102 -14.14 -16.37 4.93
CA VAL B 102 -14.23 -15.97 3.55
C VAL B 102 -12.89 -15.70 2.91
N ALA B 103 -12.01 -15.07 3.64
CA ALA B 103 -10.66 -14.79 3.18
C ALA B 103 -9.85 -16.01 2.95
N LEU B 104 -9.98 -16.99 3.82
CA LEU B 104 -9.36 -18.25 3.61
C LEU B 104 -9.88 -18.95 2.40
N GLU B 105 -11.17 -18.82 2.13
CA GLU B 105 -11.73 -19.40 0.95
C GLU B 105 -11.20 -18.78 -0.31
N MET B 106 -11.08 -17.48 -0.31
CA MET B 106 -10.57 -16.82 -1.47
C MET B 106 -9.14 -17.21 -1.76
N GLU B 107 -8.33 -17.30 -0.73
CA GLU B 107 -6.99 -17.75 -0.89
C GLU B 107 -6.89 -19.15 -1.40
N ALA B 108 -7.67 -20.05 -0.85
CA ALA B 108 -7.57 -21.42 -1.27
C ALA B 108 -7.89 -21.48 -2.73
N ASP B 109 -8.84 -20.68 -3.12
CA ASP B 109 -9.28 -20.68 -4.48
C ASP B 109 -8.18 -20.25 -5.42
N ARG B 110 -7.44 -19.24 -5.01
CA ARG B 110 -6.30 -18.74 -5.72
C ARG B 110 -5.19 -19.75 -5.82
N MET B 111 -4.97 -20.51 -4.77
CA MET B 111 -3.98 -21.53 -4.85
C MET B 111 -4.43 -22.57 -5.84
N ALA B 112 -5.63 -23.09 -5.68
CA ALA B 112 -6.17 -24.15 -6.52
C ALA B 112 -6.45 -23.93 -8.00
N HIS B 113 -7.11 -22.86 -8.37
CA HIS B 113 -7.47 -22.65 -9.76
C HIS B 113 -6.95 -21.36 -10.27
N LEU B 114 -6.02 -21.45 -11.22
CA LEU B 114 -5.39 -20.27 -11.78
C LEU B 114 -6.48 -19.36 -12.32
N SER B 115 -7.14 -19.78 -13.40
CA SER B 115 -8.02 -18.88 -14.06
C SER B 115 -7.32 -17.65 -14.65
N LEU B 116 -6.66 -17.82 -15.79
CA LEU B 116 -5.90 -16.74 -16.36
C LEU B 116 -6.20 -16.56 -17.82
N PRO B 117 -7.21 -15.81 -18.12
CA PRO B 117 -7.65 -15.62 -19.50
C PRO B 117 -6.66 -14.83 -20.32
N VAL B 118 -6.60 -15.10 -21.60
CA VAL B 118 -5.59 -14.50 -22.44
C VAL B 118 -5.77 -13.01 -22.52
N ASP B 119 -6.99 -12.58 -22.61
CA ASP B 119 -7.30 -11.21 -22.82
C ASP B 119 -6.78 -10.39 -21.67
N GLN B 120 -6.97 -10.94 -20.49
CA GLN B 120 -6.57 -10.38 -19.25
C GLN B 120 -5.08 -10.27 -19.17
N PHE B 121 -4.38 -11.26 -19.67
CA PHE B 121 -2.95 -11.22 -19.72
C PHE B 121 -2.46 -10.09 -20.58
N LYS B 122 -3.08 -9.91 -21.72
CA LYS B 122 -2.63 -8.97 -22.70
C LYS B 122 -2.59 -7.54 -22.23
N SER B 123 -3.63 -7.08 -21.57
CA SER B 123 -3.62 -5.79 -20.95
C SER B 123 -2.71 -5.65 -19.74
N GLU B 124 -2.70 -6.65 -18.90
CA GLU B 124 -1.92 -6.62 -17.69
C GLU B 124 -0.43 -6.57 -17.91
N ILE B 125 0.05 -7.25 -18.93
CA ILE B 125 1.45 -7.20 -19.28
C ILE B 125 1.84 -5.81 -19.73
N GLU B 126 0.94 -5.18 -20.42
CA GLU B 126 1.11 -3.84 -20.85
C GLU B 126 1.21 -2.90 -19.70
N VAL B 127 0.44 -3.15 -18.68
CA VAL B 127 0.45 -2.30 -17.53
C VAL B 127 1.78 -2.38 -16.87
N ILE B 128 2.25 -3.60 -16.71
CA ILE B 128 3.49 -3.91 -16.06
C ILE B 128 4.65 -3.32 -16.83
N LYS B 129 4.63 -3.37 -18.13
CA LYS B 129 5.66 -2.77 -18.93
C LYS B 129 5.72 -1.28 -18.77
N GLU B 130 4.58 -0.63 -18.76
CA GLU B 130 4.53 0.77 -18.51
C GLU B 130 4.98 1.12 -17.12
N GLU B 131 4.60 0.31 -16.18
CA GLU B 131 5.00 0.48 -14.82
C GLU B 131 6.52 0.42 -14.68
N ARG B 132 7.14 -0.40 -15.50
CA ARG B 132 8.57 -0.44 -15.59
C ARG B 132 9.20 0.79 -16.18
N ARG B 133 8.57 1.31 -17.20
CA ARG B 133 9.01 2.51 -17.84
C ARG B 133 8.93 3.66 -16.88
N LEU B 134 7.92 3.69 -16.05
CA LEU B 134 7.71 4.85 -15.20
C LEU B 134 8.48 4.75 -13.91
N ARG B 135 8.14 3.75 -13.11
CA ARG B 135 8.76 3.51 -11.82
C ARG B 135 10.25 3.19 -11.87
N THR B 136 10.66 2.42 -12.85
CA THR B 136 12.06 2.09 -12.92
C THR B 136 12.83 2.88 -13.95
N ASP B 137 12.17 3.44 -14.95
CA ASP B 137 12.90 4.16 -15.97
C ASP B 137 12.81 5.66 -15.88
N ASP B 138 11.91 6.16 -15.07
CA ASP B 138 11.88 7.58 -14.80
C ASP B 138 11.83 7.83 -13.31
N ASN B 139 12.42 6.91 -12.57
CA ASN B 139 12.73 7.11 -11.17
C ASN B 139 14.19 6.85 -11.14
N PRO B 140 15.02 7.86 -11.28
CA PRO B 140 16.40 7.63 -11.64
C PRO B 140 17.13 6.77 -10.63
N ASN B 141 16.87 6.93 -9.36
CA ASN B 141 17.52 6.08 -8.40
C ASN B 141 17.17 4.61 -8.49
N ALA B 142 15.95 4.30 -8.85
CA ALA B 142 15.53 2.94 -8.96
C ALA B 142 16.26 2.29 -10.08
N LEU B 143 16.39 3.02 -11.14
CA LEU B 143 17.10 2.52 -12.28
C LEU B 143 18.56 2.29 -11.95
N ALA B 144 19.17 3.22 -11.25
CA ALA B 144 20.54 3.07 -10.87
C ALA B 144 20.77 1.91 -9.95
N PHE B 145 19.91 1.71 -8.98
CA PHE B 145 20.07 0.64 -8.02
C PHE B 145 19.99 -0.71 -8.68
N GLU B 146 19.18 -0.79 -9.70
CA GLU B 146 19.01 -1.98 -10.46
C GLU B 146 20.28 -2.36 -11.14
N ARG B 147 20.93 -1.41 -11.76
CA ARG B 147 22.20 -1.66 -12.37
C ARG B 147 23.27 -2.01 -11.38
N PHE B 148 23.26 -1.32 -10.25
CA PHE B 148 24.18 -1.60 -9.17
C PHE B 148 23.98 -2.99 -8.62
N LYS B 149 22.75 -3.44 -8.46
CA LYS B 149 22.47 -4.74 -7.97
C LYS B 149 22.97 -5.85 -8.88
N ALA B 150 22.87 -5.65 -10.18
CA ALA B 150 23.34 -6.60 -11.15
C ALA B 150 24.84 -6.82 -11.13
N ALA B 151 25.60 -5.76 -10.95
CA ALA B 151 27.00 -5.83 -10.69
C ALA B 151 27.37 -6.45 -9.35
N ALA B 152 26.58 -6.17 -8.33
CA ALA B 152 26.86 -6.67 -7.02
C ALA B 152 26.72 -8.17 -6.90
N TYR B 153 25.96 -8.78 -7.77
CA TYR B 153 25.67 -10.17 -7.64
C TYR B 153 25.99 -10.90 -8.92
N PRO B 154 27.25 -11.21 -9.15
CA PRO B 154 27.62 -11.92 -10.35
C PRO B 154 27.07 -13.32 -10.48
N ALA B 155 27.17 -14.13 -9.45
CA ALA B 155 26.77 -15.52 -9.54
C ALA B 155 25.45 -15.92 -8.93
N SER B 156 24.72 -15.03 -8.31
CA SER B 156 23.51 -15.43 -7.63
C SER B 156 22.26 -14.84 -8.25
N GLY B 157 21.12 -15.38 -7.86
CA GLY B 157 19.83 -15.00 -8.40
C GLY B 157 19.46 -13.58 -8.15
N TYR B 158 20.10 -12.99 -7.17
CA TYR B 158 19.79 -11.68 -6.73
C TYR B 158 20.15 -10.64 -7.74
N HIS B 159 20.86 -10.99 -8.78
CA HIS B 159 21.14 -10.02 -9.80
C HIS B 159 19.93 -9.60 -10.58
N THR B 160 18.91 -10.43 -10.59
CA THR B 160 17.75 -10.15 -11.38
C THR B 160 16.75 -9.24 -10.70
N PRO B 161 16.30 -8.22 -11.40
CA PRO B 161 15.29 -7.33 -10.88
C PRO B 161 13.96 -8.01 -10.80
N THR B 162 13.20 -7.78 -9.75
CA THR B 162 11.93 -8.44 -9.59
C THR B 162 10.91 -8.10 -10.63
N ILE B 163 10.85 -6.85 -11.03
CA ILE B 163 9.93 -6.38 -12.02
C ILE B 163 10.20 -7.04 -13.35
N GLY B 164 11.44 -7.38 -13.58
CA GLY B 164 11.86 -8.00 -14.81
C GLY B 164 12.51 -7.03 -15.73
N TRP B 165 13.39 -7.52 -16.58
CA TRP B 165 14.02 -6.72 -17.60
C TRP B 165 13.02 -6.50 -18.71
N MET B 166 13.11 -5.39 -19.38
CA MET B 166 12.14 -5.04 -20.39
C MET B 166 12.04 -6.02 -21.52
N ALA B 167 13.17 -6.51 -21.97
CA ALA B 167 13.18 -7.49 -23.03
C ALA B 167 12.54 -8.79 -22.66
N ASP B 168 12.69 -9.24 -21.43
CA ASP B 168 11.96 -10.40 -20.98
C ASP B 168 10.47 -10.14 -20.92
N LEU B 169 10.11 -8.93 -20.55
CA LEU B 169 8.72 -8.53 -20.45
C LEU B 169 8.02 -8.54 -21.76
N GLN B 170 8.68 -8.08 -22.79
CA GLN B 170 8.16 -8.09 -24.12
C GLN B 170 7.91 -9.46 -24.71
N ARG B 171 8.68 -10.45 -24.32
CA ARG B 171 8.50 -11.77 -24.84
C ARG B 171 7.71 -12.73 -23.97
N MET B 172 7.18 -12.26 -22.88
CA MET B 172 6.47 -13.10 -21.98
C MET B 172 5.17 -13.57 -22.56
N THR B 173 4.79 -14.78 -22.27
CA THR B 173 3.61 -15.32 -22.84
C THR B 173 2.81 -15.88 -21.74
N ILE B 174 1.54 -16.02 -22.01
CA ILE B 174 0.58 -16.49 -21.07
C ILE B 174 0.96 -17.89 -20.65
N ASP B 175 1.51 -18.66 -21.56
CA ASP B 175 1.97 -20.00 -21.28
C ASP B 175 3.08 -20.06 -20.25
N ASP B 176 3.96 -19.08 -20.30
CA ASP B 176 4.98 -18.93 -19.30
C ASP B 176 4.42 -18.69 -17.93
N LEU B 177 3.39 -17.88 -17.79
CA LEU B 177 2.79 -17.66 -16.50
C LEU B 177 2.12 -18.90 -15.95
N ARG B 178 1.40 -19.63 -16.77
CA ARG B 178 0.69 -20.77 -16.28
C ARG B 178 1.63 -21.76 -15.71
N HIS B 179 2.76 -21.93 -16.37
CA HIS B 179 3.78 -22.83 -15.92
C HIS B 179 4.42 -22.47 -14.62
N TRP B 180 4.63 -21.20 -14.37
CA TRP B 180 5.20 -20.76 -13.14
C TRP B 180 4.24 -21.10 -12.04
N TYR B 181 2.97 -20.92 -12.32
CA TYR B 181 1.90 -21.22 -11.38
C TYR B 181 1.74 -22.69 -11.08
N GLU B 182 1.86 -23.51 -12.10
CA GLU B 182 1.83 -24.93 -11.93
C GLU B 182 2.99 -25.36 -11.13
N SER B 183 4.15 -24.80 -11.41
CA SER B 183 5.33 -25.15 -10.66
C SER B 183 5.41 -24.73 -9.22
N TRP B 184 5.18 -23.47 -8.94
CA TRP B 184 5.53 -22.96 -7.64
C TRP B 184 4.42 -22.67 -6.67
N TYR B 185 3.24 -22.46 -7.16
CA TYR B 185 2.15 -22.15 -6.28
C TYR B 185 1.48 -23.40 -5.82
N ALA B 186 2.22 -24.27 -5.22
CA ALA B 186 1.64 -25.43 -4.67
C ALA B 186 1.56 -25.28 -3.20
N PRO B 187 0.75 -26.08 -2.55
CA PRO B 187 0.59 -25.98 -1.11
C PRO B 187 1.86 -26.28 -0.37
N ASN B 188 2.60 -27.25 -0.83
CA ASN B 188 3.79 -27.68 -0.14
C ASN B 188 4.90 -26.66 -0.32
N ASN B 189 4.64 -25.64 -1.11
CA ASN B 189 5.52 -24.51 -1.27
C ASN B 189 5.06 -23.24 -0.59
N ALA B 190 4.05 -23.35 0.25
CA ALA B 190 3.43 -22.19 0.82
C ALA B 190 3.31 -22.27 2.32
N THR B 191 3.21 -21.11 2.95
CA THR B 191 2.97 -21.01 4.37
C THR B 191 1.75 -20.17 4.68
N LEU B 192 0.86 -20.68 5.50
CA LEU B 192 -0.29 -19.88 5.91
C LEU B 192 -0.12 -19.35 7.31
N VAL B 193 -0.19 -18.04 7.44
CA VAL B 193 0.03 -17.38 8.68
C VAL B 193 -1.21 -16.64 9.11
N VAL B 194 -1.68 -16.97 10.29
CA VAL B 194 -2.83 -16.34 10.86
C VAL B 194 -2.46 -15.81 12.23
N VAL B 195 -2.71 -14.54 12.49
CA VAL B 195 -2.39 -13.95 13.78
C VAL B 195 -3.55 -13.09 14.21
N GLY B 196 -3.90 -13.17 15.48
CA GLY B 196 -5.03 -12.42 15.94
C GLY B 196 -5.95 -13.17 16.87
N ASP B 197 -7.20 -12.75 16.88
CA ASP B 197 -8.21 -13.27 17.77
C ASP B 197 -8.80 -14.54 17.21
N VAL B 198 -8.02 -15.60 17.21
CA VAL B 198 -8.45 -16.87 16.68
C VAL B 198 -7.78 -17.88 17.52
N THR B 199 -8.07 -19.14 17.27
CA THR B 199 -7.43 -20.20 18.01
C THR B 199 -6.87 -21.18 17.04
N ALA B 200 -5.89 -21.92 17.51
CA ALA B 200 -5.18 -22.81 16.67
C ALA B 200 -6.15 -23.82 16.15
N ASP B 201 -7.07 -24.22 16.98
CA ASP B 201 -8.04 -25.19 16.55
C ASP B 201 -9.00 -24.73 15.50
N GLU B 202 -9.48 -23.53 15.64
CA GLU B 202 -10.41 -23.02 14.70
C GLU B 202 -9.69 -22.95 13.38
N VAL B 203 -8.47 -22.46 13.41
CA VAL B 203 -7.69 -22.27 12.21
C VAL B 203 -7.44 -23.59 11.54
N LYS B 204 -7.11 -24.59 12.33
CA LYS B 204 -6.85 -25.91 11.83
C LYS B 204 -8.07 -26.44 11.15
N THR B 205 -9.22 -26.20 11.72
CA THR B 205 -10.47 -26.58 11.13
C THR B 205 -10.73 -25.87 9.81
N LEU B 206 -10.52 -24.57 9.78
CA LEU B 206 -10.64 -23.79 8.54
C LEU B 206 -9.64 -24.08 7.47
N ALA B 207 -8.40 -24.26 7.84
CA ALA B 207 -7.37 -24.59 6.91
C ALA B 207 -7.66 -25.91 6.26
N LYS B 208 -8.17 -26.86 7.01
CA LYS B 208 -8.58 -28.11 6.43
C LYS B 208 -9.75 -27.98 5.49
N ARG B 209 -10.71 -27.18 5.93
CA ARG B 209 -11.89 -27.04 5.00
CA ARG B 209 -11.82 -26.94 5.02
C ARG B 209 -11.64 -26.47 3.49
N TYR B 210 -10.87 -25.35 3.64
CA TYR B 210 -10.48 -24.76 2.37
C TYR B 210 -9.35 -25.36 1.62
N PHE B 211 -8.28 -25.65 2.32
CA PHE B 211 -7.07 -26.05 1.68
C PHE B 211 -6.81 -27.52 1.56
N GLY B 212 -7.44 -28.34 2.37
CA GLY B 212 -7.02 -29.71 2.58
C GLY B 212 -7.02 -30.60 1.36
N GLU B 213 -7.86 -30.19 0.47
CA GLU B 213 -8.02 -31.07 -0.78
CA GLU B 213 -7.82 -31.01 -0.68
C GLU B 213 -6.96 -30.78 -2.02
N ILE B 214 -6.36 -29.61 -1.77
CA ILE B 214 -5.43 -29.26 -2.79
C ILE B 214 -4.23 -30.14 -2.61
N PRO B 215 -3.90 -30.89 -3.63
CA PRO B 215 -2.92 -31.93 -3.48
C PRO B 215 -1.50 -31.41 -3.50
N TRP B 216 -0.64 -32.17 -2.86
CA TRP B 216 0.77 -31.92 -2.87
C TRP B 216 1.27 -32.06 -4.26
N ARG B 217 2.16 -31.18 -4.65
CA ARG B 217 2.81 -31.31 -5.94
C ARG B 217 4.30 -31.26 -5.80
N GLN B 218 4.95 -31.92 -6.72
CA GLN B 218 6.38 -31.97 -6.73
C GLN B 218 6.94 -30.68 -7.23
N LEU B 219 7.82 -30.09 -6.47
CA LEU B 219 8.38 -28.82 -6.82
C LEU B 219 9.64 -28.92 -7.63
N PRO B 220 9.96 -27.88 -8.34
CA PRO B 220 11.25 -27.79 -8.96
C PRO B 220 12.29 -27.56 -7.91
N PRO B 221 13.53 -27.81 -8.24
CA PRO B 221 14.61 -27.62 -7.28
C PRO B 221 14.83 -26.17 -6.93
N ALA B 222 15.09 -25.89 -5.68
CA ALA B 222 15.32 -24.55 -5.24
C ALA B 222 16.71 -24.46 -4.70
N ARG B 223 17.47 -23.48 -5.10
CA ARG B 223 18.82 -23.38 -4.63
C ARG B 223 19.05 -22.05 -4.04
N LYS B 224 19.63 -21.99 -2.86
CA LYS B 224 19.88 -20.73 -2.25
C LYS B 224 20.76 -19.91 -3.11
N PRO B 225 20.53 -18.62 -3.09
CA PRO B 225 21.32 -17.72 -3.91
C PRO B 225 22.64 -17.35 -3.27
N LEU B 226 23.61 -18.22 -3.42
CA LEU B 226 24.89 -18.04 -2.83
C LEU B 226 25.79 -17.30 -3.79
N GLU B 227 26.34 -16.22 -3.31
CA GLU B 227 27.19 -15.37 -4.07
C GLU B 227 28.65 -15.76 -3.90
N LEU B 228 29.52 -15.24 -4.73
CA LEU B 228 30.93 -15.38 -4.57
C LEU B 228 31.33 -14.63 -3.33
N ALA B 229 32.24 -15.16 -2.55
CA ALA B 229 32.76 -14.41 -1.44
C ALA B 229 33.54 -13.16 -1.80
N GLU B 230 34.45 -13.24 -2.74
CA GLU B 230 35.20 -12.08 -3.14
C GLU B 230 35.17 -11.85 -4.62
N PRO B 231 34.10 -11.26 -5.12
CA PRO B 231 33.92 -11.05 -6.55
C PRO B 231 34.97 -10.17 -7.18
N GLY B 232 35.50 -9.25 -6.41
CA GLY B 232 36.42 -8.26 -6.90
C GLY B 232 35.82 -6.88 -6.88
N GLU B 233 36.67 -5.89 -6.94
CA GLU B 233 36.26 -4.52 -6.82
C GLU B 233 35.61 -4.15 -8.10
N ARG B 234 34.35 -3.74 -8.06
CA ARG B 234 33.72 -3.22 -9.24
C ARG B 234 33.16 -1.83 -9.04
N ARG B 235 33.34 -1.00 -10.02
CA ARG B 235 32.98 0.38 -9.91
C ARG B 235 32.15 0.77 -11.07
N LEU B 236 31.10 1.52 -10.83
CA LEU B 236 30.14 1.83 -11.84
C LEU B 236 30.00 3.29 -11.99
N LYS B 237 29.74 3.72 -13.19
CA LYS B 237 29.39 5.09 -13.42
C LYS B 237 28.11 5.08 -14.20
N LEU B 238 27.05 5.65 -13.66
CA LEU B 238 25.81 5.76 -14.39
C LEU B 238 25.33 7.18 -14.43
N TYR B 239 24.86 7.58 -15.59
CA TYR B 239 24.34 8.89 -15.80
C TYR B 239 22.87 8.76 -15.97
N VAL B 240 22.14 9.49 -15.14
CA VAL B 240 20.72 9.37 -15.05
C VAL B 240 20.07 10.72 -14.88
N ARG B 241 18.78 10.69 -14.70
CA ARG B 241 17.95 11.86 -14.83
C ARG B 241 17.82 12.63 -13.56
N THR B 242 18.62 12.29 -12.58
CA THR B 242 18.61 12.99 -11.33
C THR B 242 19.33 14.31 -11.43
N GLN B 243 19.22 15.16 -10.44
CA GLN B 243 20.08 16.31 -10.41
C GLN B 243 20.95 16.45 -9.20
N LEU B 244 20.92 15.48 -8.32
CA LEU B 244 21.92 15.43 -7.27
C LEU B 244 22.78 14.21 -7.50
N PRO B 245 24.09 14.34 -7.55
CA PRO B 245 24.94 13.17 -7.59
C PRO B 245 24.93 12.42 -6.28
N ASN B 246 25.00 11.10 -6.31
CA ASN B 246 25.07 10.27 -5.13
C ASN B 246 26.01 9.09 -5.28
N LEU B 247 26.26 8.40 -4.18
CA LEU B 247 27.19 7.30 -4.20
C LEU B 247 26.56 6.11 -3.56
N ILE B 248 26.84 4.93 -4.09
CA ILE B 248 26.39 3.70 -3.48
C ILE B 248 27.55 2.77 -3.24
N MET B 249 27.63 2.16 -2.07
CA MET B 249 28.68 1.22 -1.77
C MET B 249 28.12 -0.10 -1.25
N GLY B 250 28.39 -1.18 -1.93
CA GLY B 250 27.88 -2.43 -1.48
C GLY B 250 28.96 -3.42 -1.24
N PHE B 251 28.88 -4.10 -0.13
CA PHE B 251 29.83 -5.12 0.18
C PHE B 251 29.12 -6.44 0.23
N ASN B 252 29.68 -7.43 -0.43
CA ASN B 252 29.08 -8.73 -0.47
C ASN B 252 29.31 -9.42 0.85
N VAL B 253 28.24 -9.85 1.44
CA VAL B 253 28.26 -10.41 2.75
C VAL B 253 27.26 -11.54 2.88
N PRO B 254 27.34 -12.28 3.94
CA PRO B 254 26.37 -13.30 4.27
C PRO B 254 25.11 -12.81 4.95
N SER B 255 24.12 -13.67 5.03
CA SER B 255 22.91 -13.40 5.75
C SER B 255 22.58 -14.65 6.53
N LEU B 256 21.50 -14.63 7.29
CA LEU B 256 21.13 -15.78 8.10
C LEU B 256 20.81 -17.04 7.30
N GLY B 257 20.37 -16.86 6.08
CA GLY B 257 20.15 -17.96 5.19
C GLY B 257 21.42 -18.68 4.84
N SER B 258 22.48 -17.93 4.70
CA SER B 258 23.70 -18.47 4.16
C SER B 258 24.81 -18.71 5.13
N SER B 259 24.65 -18.32 6.37
CA SER B 259 25.77 -18.23 7.26
C SER B 259 25.89 -19.34 8.26
N GLU B 260 27.09 -19.89 8.32
CA GLU B 260 27.56 -20.72 9.41
C GLU B 260 27.78 -20.07 10.76
N ASN B 261 28.35 -18.87 10.79
CA ASN B 261 28.44 -18.10 12.01
C ASN B 261 27.41 -17.02 12.05
N PRO B 262 26.31 -17.26 12.70
CA PRO B 262 25.24 -16.31 12.74
C PRO B 262 25.70 -15.01 13.36
N ARG B 263 26.69 -15.08 14.21
CA ARG B 263 27.08 -13.91 14.95
C ARG B 263 27.59 -12.81 14.11
N GLU B 264 28.31 -13.17 13.07
CA GLU B 264 28.87 -12.20 12.18
C GLU B 264 27.78 -11.43 11.50
N VAL B 265 26.70 -12.09 11.17
CA VAL B 265 25.54 -11.43 10.64
C VAL B 265 24.92 -10.44 11.61
N ASN B 266 24.75 -10.84 12.85
CA ASN B 266 24.16 -9.96 13.83
C ASN B 266 25.02 -8.76 14.08
N ALA B 267 26.32 -8.96 14.09
CA ALA B 267 27.25 -7.86 14.20
C ALA B 267 27.18 -6.88 13.03
N LEU B 268 26.97 -7.38 11.84
CA LEU B 268 26.80 -6.50 10.73
C LEU B 268 25.57 -5.67 10.96
N ARG B 269 24.56 -6.23 11.58
CA ARG B 269 23.36 -5.50 11.84
C ARG B 269 23.60 -4.34 12.77
N LEU B 270 24.37 -4.59 13.80
CA LEU B 270 24.77 -3.58 14.74
C LEU B 270 25.64 -2.53 14.11
N ILE B 271 26.53 -2.94 13.24
CA ILE B 271 27.39 -2.02 12.55
C ILE B 271 26.53 -1.05 11.76
N GLY B 272 25.43 -1.54 11.25
CA GLY B 272 24.49 -0.72 10.54
C GLY B 272 23.85 0.30 11.42
N ALA B 273 23.51 -0.14 12.62
CA ALA B 273 22.95 0.70 13.63
C ALA B 273 23.94 1.75 14.08
N LEU B 274 25.18 1.36 14.25
CA LEU B 274 26.20 2.29 14.64
C LEU B 274 26.42 3.37 13.63
N LEU B 275 26.56 3.00 12.38
CA LEU B 275 26.76 3.98 11.35
C LEU B 275 25.59 4.91 11.11
N ASP B 276 24.40 4.37 10.92
CA ASP B 276 23.25 5.21 10.60
C ASP B 276 21.97 4.96 11.44
N GLY B 277 22.14 4.42 12.63
CA GLY B 277 21.00 4.06 13.44
C GLY B 277 20.04 5.16 13.84
N GLY B 278 20.54 6.36 14.05
CA GLY B 278 19.72 7.42 14.60
C GLY B 278 20.32 8.76 14.33
N TYR B 279 19.68 9.80 14.85
CA TYR B 279 20.12 11.15 14.61
C TYR B 279 21.53 11.28 15.12
N SER B 280 21.87 10.49 16.12
CA SER B 280 23.13 10.64 16.81
C SER B 280 24.18 9.64 16.39
N ALA B 281 23.89 8.86 15.37
CA ALA B 281 24.80 7.84 14.93
C ALA B 281 25.96 8.41 14.16
N ARG B 282 26.96 7.58 13.91
CA ARG B 282 28.27 8.02 13.50
C ARG B 282 28.32 8.78 12.22
N LEU B 283 27.60 8.35 11.22
CA LEU B 283 27.54 9.07 9.98
C LEU B 283 26.90 10.44 10.11
N ALA B 284 25.78 10.50 10.79
CA ALA B 284 25.12 11.76 10.96
C ALA B 284 25.95 12.70 11.78
N SER B 285 26.46 12.21 12.89
CA SER B 285 27.28 13.06 13.71
C SER B 285 28.60 13.49 13.09
N ARG B 286 29.40 12.54 12.66
CA ARG B 286 30.68 12.81 12.01
C ARG B 286 30.66 13.43 10.64
N LEU B 287 29.77 12.97 9.76
CA LEU B 287 29.84 13.39 8.38
C LEU B 287 28.82 14.40 7.95
N GLU B 288 27.58 14.21 8.33
CA GLU B 288 26.55 15.19 8.01
C GLU B 288 26.76 16.51 8.72
N ARG B 289 26.94 16.43 10.02
CA ARG B 289 27.33 17.52 10.86
C ARG B 289 28.79 17.30 10.85
N GLY B 290 29.52 17.71 11.87
CA GLY B 290 30.92 17.38 11.88
C GLY B 290 31.63 17.96 10.68
N GLU B 291 32.17 17.08 9.86
CA GLU B 291 32.92 17.41 8.68
C GLU B 291 32.09 18.15 7.69
N GLU B 292 30.80 17.90 7.71
CA GLU B 292 29.86 18.43 6.72
C GLU B 292 30.15 17.97 5.30
N LEU B 293 30.66 16.74 5.20
CA LEU B 293 30.93 16.09 3.94
C LEU B 293 29.71 15.72 3.15
N VAL B 294 28.70 15.23 3.83
CA VAL B 294 27.55 14.71 3.16
C VAL B 294 26.30 15.49 3.46
N ALA B 295 25.45 15.62 2.47
CA ALA B 295 24.09 16.06 2.64
C ALA B 295 23.23 15.07 3.39
N GLY B 296 23.41 13.79 3.14
CA GLY B 296 22.71 12.75 3.84
C GLY B 296 23.49 11.48 3.68
N ALA B 297 23.30 10.51 4.54
CA ALA B 297 24.00 9.26 4.40
C ALA B 297 23.21 8.12 4.98
N SER B 298 23.16 6.99 4.31
CA SER B 298 22.31 5.91 4.77
C SER B 298 22.91 4.55 4.67
N THR B 299 22.33 3.63 5.40
CA THR B 299 22.83 2.29 5.50
C THR B 299 21.68 1.31 5.30
N TYR B 300 21.93 0.24 4.58
CA TYR B 300 20.95 -0.79 4.46
C TYR B 300 21.52 -2.19 4.50
N TYR B 301 20.99 -3.04 5.35
CA TYR B 301 21.39 -4.42 5.36
C TYR B 301 20.26 -5.40 5.67
N ASP B 302 19.89 -6.25 4.73
CA ASP B 302 18.90 -7.27 5.04
C ASP B 302 19.52 -8.61 5.39
N ALA B 303 19.39 -8.96 6.64
CA ALA B 303 19.99 -10.16 7.15
C ALA B 303 19.11 -11.37 7.07
N PHE B 304 17.97 -11.29 6.41
CA PHE B 304 17.10 -12.44 6.33
C PHE B 304 16.76 -12.78 4.90
N ASN B 305 17.75 -13.27 4.18
CA ASN B 305 17.62 -13.62 2.79
C ASN B 305 17.76 -15.09 2.70
N ARG B 306 17.31 -15.68 1.64
CA ARG B 306 17.50 -17.08 1.43
C ARG B 306 18.96 -17.35 1.32
N GLY B 307 19.62 -16.50 0.56
CA GLY B 307 21.02 -16.60 0.27
C GLY B 307 21.89 -15.61 0.97
N ASP B 308 22.95 -15.19 0.30
CA ASP B 308 23.89 -14.21 0.78
C ASP B 308 23.30 -12.84 0.59
N SER B 309 23.96 -11.79 0.99
CA SER B 309 23.35 -10.48 1.04
C SER B 309 24.29 -9.31 0.83
N LEU B 310 23.81 -8.11 1.03
CA LEU B 310 24.60 -6.92 0.79
C LEU B 310 24.52 -5.90 1.88
N PHE B 311 25.63 -5.40 2.37
CA PHE B 311 25.62 -4.31 3.30
C PHE B 311 25.79 -3.06 2.48
N VAL B 312 24.82 -2.17 2.56
CA VAL B 312 24.78 -1.04 1.67
C VAL B 312 24.89 0.32 2.32
N LEU B 313 25.74 1.17 1.75
CA LEU B 313 25.87 2.53 2.16
C LEU B 313 25.51 3.39 1.01
N SER B 314 24.76 4.44 1.24
CA SER B 314 24.52 5.41 0.19
C SER B 314 24.63 6.77 0.78
N ALA B 315 25.16 7.72 0.04
CA ALA B 315 25.37 9.05 0.59
C ALA B 315 25.45 10.12 -0.48
N THR B 316 25.15 11.36 -0.12
CA THR B 316 25.17 12.46 -1.05
C THR B 316 26.17 13.47 -0.61
N PRO B 317 26.84 14.11 -1.55
CA PRO B 317 27.88 15.08 -1.24
C PRO B 317 27.36 16.41 -0.75
N ASN B 318 28.19 17.14 -0.02
CA ASN B 318 27.79 18.44 0.47
C ASN B 318 28.23 19.35 -0.64
N VAL B 319 27.26 19.76 -1.44
CA VAL B 319 27.57 20.43 -2.68
C VAL B 319 27.59 21.94 -2.44
N GLN B 320 26.99 22.37 -1.34
CA GLN B 320 27.06 23.75 -0.88
C GLN B 320 28.52 24.02 -0.56
N LYS B 321 29.16 22.99 -0.03
CA LYS B 321 30.52 23.06 0.40
C LYS B 321 31.42 22.53 -0.69
N GLY B 322 30.86 22.37 -1.87
CA GLY B 322 31.58 21.94 -3.05
C GLY B 322 32.20 20.56 -3.05
N LYS B 323 31.55 19.61 -2.41
CA LYS B 323 32.09 18.28 -2.27
C LYS B 323 31.96 17.42 -3.51
N THR B 324 32.79 16.39 -3.57
CA THR B 324 32.76 15.46 -4.68
C THR B 324 32.55 14.05 -4.22
N LEU B 325 32.18 13.19 -5.14
CA LEU B 325 31.94 11.80 -4.87
C LEU B 325 33.20 11.11 -4.40
N GLU B 326 34.32 11.55 -4.93
CA GLU B 326 35.61 11.03 -4.55
C GLU B 326 35.94 11.32 -3.10
N GLN B 327 35.69 12.53 -2.66
CA GLN B 327 35.83 12.86 -1.26
C GLN B 327 34.84 12.11 -0.40
N VAL B 328 33.61 11.95 -0.87
CA VAL B 328 32.61 11.25 -0.12
C VAL B 328 33.04 9.81 0.09
N GLU B 329 33.63 9.22 -0.91
CA GLU B 329 34.10 7.88 -0.79
C GLU B 329 35.17 7.75 0.24
N ALA B 330 36.12 8.65 0.21
CA ALA B 330 37.21 8.61 1.14
C ALA B 330 36.64 8.76 2.52
N GLY B 331 35.66 9.61 2.65
CA GLY B 331 35.05 9.80 3.94
C GLY B 331 34.39 8.56 4.48
N LEU B 332 33.61 7.86 3.67
CA LEU B 332 32.99 6.63 4.10
C LEU B 332 34.01 5.57 4.44
N TRP B 333 35.04 5.47 3.63
CA TRP B 333 36.07 4.50 3.82
C TRP B 333 36.79 4.76 5.12
N LYS B 334 36.94 6.02 5.50
CA LYS B 334 37.57 6.33 6.76
C LYS B 334 36.79 5.84 7.96
N GLN B 335 35.49 6.00 7.93
CA GLN B 335 34.62 5.48 8.97
C GLN B 335 34.66 3.96 9.06
N LEU B 336 34.74 3.28 7.94
CA LEU B 336 34.81 1.84 7.94
C LEU B 336 36.08 1.35 8.58
N ASP B 337 37.14 2.06 8.34
CA ASP B 337 38.42 1.75 8.89
C ASP B 337 38.54 1.92 10.37
N ASP B 338 37.87 2.93 10.91
CA ASP B 338 37.89 3.15 12.32
C ASP B 338 37.27 1.97 13.00
N LEU B 339 36.21 1.45 12.42
CA LEU B 339 35.59 0.29 12.99
C LEU B 339 36.59 -0.82 13.01
N LYS B 340 37.35 -0.95 11.95
CA LYS B 340 38.32 -2.00 11.86
C LYS B 340 39.44 -1.85 12.83
N GLN B 341 39.95 -0.64 12.89
CA GLN B 341 41.15 -0.39 13.62
C GLN B 341 40.94 -0.66 15.08
N ASN B 342 39.88 -0.13 15.64
CA ASN B 342 39.57 -0.50 16.99
C ASN B 342 38.08 -0.49 17.28
N PRO B 343 37.63 -1.47 18.02
CA PRO B 343 36.22 -1.69 18.31
C PRO B 343 35.55 -0.59 19.10
N PRO B 344 34.25 -0.51 19.00
CA PRO B 344 33.49 0.52 19.70
C PRO B 344 33.41 0.23 21.17
N SER B 345 33.23 1.25 21.97
CA SER B 345 33.16 1.07 23.40
C SER B 345 31.90 0.33 23.70
N ALA B 346 31.91 -0.43 24.77
CA ALA B 346 30.75 -1.17 25.18
C ALA B 346 29.63 -0.21 25.47
N ALA B 347 29.98 1.00 25.85
CA ALA B 347 28.98 2.01 26.05
C ALA B 347 28.18 2.43 24.82
N GLU B 348 28.85 2.65 23.70
CA GLU B 348 28.16 3.04 22.49
C GLU B 348 27.25 1.93 22.10
N ILE B 349 27.73 0.73 22.33
CA ILE B 349 27.06 -0.44 21.88
C ILE B 349 25.68 -0.53 22.49
N GLU B 350 25.55 -0.24 23.77
CA GLU B 350 24.25 -0.24 24.32
C GLU B 350 23.39 0.85 23.75
N ARG B 351 23.92 2.05 23.71
CA ARG B 351 23.09 3.18 23.37
C ARG B 351 22.54 2.92 21.99
N VAL B 352 23.39 2.54 21.07
CA VAL B 352 22.96 2.23 19.73
C VAL B 352 22.04 1.04 19.72
N ARG B 353 22.39 0.03 20.48
CA ARG B 353 21.58 -1.15 20.51
C ARG B 353 20.21 -0.90 21.07
N ALA B 354 20.18 -0.24 22.20
CA ALA B 354 18.96 -0.14 22.92
C ALA B 354 18.01 0.53 22.01
N GLN B 355 18.49 1.55 21.33
CA GLN B 355 17.66 2.31 20.45
C GLN B 355 17.17 1.49 19.31
N MET B 356 18.00 0.58 18.83
CA MET B 356 17.63 -0.29 17.75
C MET B 356 16.50 -1.18 18.20
N ILE B 357 16.62 -1.72 19.40
CA ILE B 357 15.62 -2.59 19.96
C ILE B 357 14.26 -1.89 20.17
N ALA B 358 14.31 -0.66 20.63
CA ALA B 358 13.10 0.08 20.85
C ALA B 358 12.42 0.19 19.53
N GLY B 359 13.20 0.37 18.49
CA GLY B 359 12.65 0.43 17.17
C GLY B 359 12.02 -0.87 16.80
N MET B 360 12.67 -1.95 17.17
CA MET B 360 12.13 -3.26 16.96
C MET B 360 10.88 -3.54 17.79
N VAL B 361 10.87 -3.09 19.02
CA VAL B 361 9.73 -3.34 19.88
C VAL B 361 8.54 -2.53 19.43
N TYR B 362 8.78 -1.33 18.99
CA TYR B 362 7.69 -0.62 18.42
C TYR B 362 7.20 -1.37 17.22
N GLU B 363 8.01 -2.28 16.72
CA GLU B 363 7.86 -2.80 15.40
C GLU B 363 7.18 -4.11 15.41
N LYS B 364 7.34 -4.86 16.49
CA LYS B 364 6.65 -6.11 16.66
C LYS B 364 5.23 -5.62 16.78
N ASP B 365 4.83 -5.30 17.99
CA ASP B 365 3.50 -4.88 18.34
C ASP B 365 2.40 -5.23 17.40
N SER B 366 2.40 -4.67 16.21
CA SER B 366 1.32 -4.88 15.28
C SER B 366 1.13 -6.35 15.10
N ILE B 367 -0.03 -6.82 14.69
CA ILE B 367 -0.20 -8.23 14.41
C ILE B 367 0.19 -8.48 12.98
N ALA B 368 -0.03 -7.50 12.12
CA ALA B 368 0.36 -7.63 10.73
C ALA B 368 1.83 -7.81 10.65
N ALA B 369 2.56 -6.93 11.26
CA ALA B 369 3.98 -6.99 11.22
C ALA B 369 4.41 -8.20 12.00
N GLN B 370 3.68 -8.48 13.05
CA GLN B 370 4.01 -9.57 13.89
C GLN B 370 3.89 -10.83 13.14
N ALA B 371 3.16 -10.85 12.08
CA ALA B 371 2.93 -12.05 11.35
C ALA B 371 3.62 -12.11 10.05
N SER B 372 4.39 -11.15 9.70
CA SER B 372 4.90 -11.13 8.35
C SER B 372 6.33 -11.44 8.69
N SER B 373 6.68 -11.18 9.93
CA SER B 373 7.94 -11.57 10.44
C SER B 373 8.03 -13.05 10.41
N ILE B 374 6.96 -13.74 10.70
CA ILE B 374 6.89 -15.16 10.56
C ILE B 374 6.95 -15.66 9.12
N GLY B 375 6.15 -15.05 8.28
CA GLY B 375 6.10 -15.46 6.91
C GLY B 375 7.36 -15.28 6.14
N GLN B 376 8.05 -14.18 6.38
CA GLN B 376 9.31 -13.93 5.79
C GLN B 376 10.31 -14.92 6.23
N LEU B 377 10.36 -15.23 7.51
CA LEU B 377 11.31 -16.18 8.00
C LEU B 377 11.09 -17.55 7.42
N GLU B 378 9.88 -18.03 7.40
CA GLU B 378 9.60 -19.30 6.81
C GLU B 378 9.87 -19.34 5.33
N SER B 379 9.72 -18.24 4.66
CA SER B 379 10.01 -18.14 3.26
C SER B 379 11.48 -18.30 2.86
N VAL B 380 12.39 -17.87 3.70
CA VAL B 380 13.78 -17.89 3.40
C VAL B 380 14.49 -19.07 3.98
N GLY B 381 13.75 -20.02 4.52
CA GLY B 381 14.36 -21.15 5.16
C GLY B 381 14.70 -21.11 6.63
N LEU B 382 14.07 -20.25 7.37
CA LEU B 382 14.46 -20.04 8.72
C LEU B 382 13.23 -20.27 9.56
N SER B 383 13.41 -20.70 10.79
CA SER B 383 12.30 -20.96 11.65
C SER B 383 11.67 -19.69 12.11
N TRP B 384 10.37 -19.74 12.32
CA TRP B 384 9.66 -18.69 12.98
C TRP B 384 10.13 -18.53 14.40
N LYS B 385 10.69 -19.57 14.95
CA LYS B 385 11.05 -19.55 16.33
C LYS B 385 12.13 -18.51 16.54
N LEU B 386 12.69 -18.05 15.45
CA LEU B 386 13.64 -16.97 15.50
C LEU B 386 13.04 -15.67 15.99
N ILE B 387 11.75 -15.47 15.79
CA ILE B 387 11.20 -14.16 15.98
C ILE B 387 11.49 -13.83 17.41
N ASP B 388 11.23 -14.79 18.27
CA ASP B 388 11.48 -14.62 19.68
C ASP B 388 12.96 -14.51 19.95
N GLN B 389 13.73 -15.24 19.18
CA GLN B 389 15.13 -15.45 19.49
C GLN B 389 16.01 -14.27 19.12
N ASP B 390 15.50 -13.33 18.35
CA ASP B 390 16.35 -12.30 17.78
C ASP B 390 17.01 -11.38 18.76
N LEU B 391 16.21 -10.80 19.62
CA LEU B 391 16.65 -9.71 20.45
C LEU B 391 17.77 -10.21 21.28
N GLU B 392 17.67 -11.45 21.71
CA GLU B 392 18.69 -12.02 22.53
C GLU B 392 19.93 -12.07 21.71
N ALA B 393 19.76 -12.39 20.45
CA ALA B 393 20.89 -12.52 19.57
C ALA B 393 21.69 -11.25 19.32
N LEU B 394 21.05 -10.11 19.21
CA LEU B 394 21.78 -8.87 19.07
C LEU B 394 22.62 -8.59 20.29
N LYS B 395 22.03 -8.87 21.43
CA LYS B 395 22.59 -8.52 22.71
C LYS B 395 23.81 -9.34 23.02
N ALA B 396 23.93 -10.47 22.36
CA ALA B 396 25.05 -11.34 22.49
C ALA B 396 26.24 -10.96 21.62
N VAL B 397 26.09 -9.93 20.81
CA VAL B 397 27.18 -9.49 19.98
C VAL B 397 28.13 -8.66 20.83
N THR B 398 29.39 -9.04 20.81
CA THR B 398 30.42 -8.36 21.55
C THR B 398 31.11 -7.35 20.70
N PRO B 399 31.85 -6.43 21.29
CA PRO B 399 32.57 -5.46 20.49
C PRO B 399 33.59 -6.11 19.60
N ASP B 400 34.23 -7.16 20.06
CA ASP B 400 35.20 -7.85 19.26
C ASP B 400 34.56 -8.48 18.06
N ASP B 401 33.32 -8.85 18.18
CA ASP B 401 32.58 -9.42 17.09
C ASP B 401 32.44 -8.40 15.99
N ILE B 402 32.23 -7.15 16.36
CA ILE B 402 32.13 -6.07 15.42
C ILE B 402 33.41 -5.81 14.64
N GLN B 403 34.53 -5.76 15.32
CA GLN B 403 35.78 -5.54 14.65
C GLN B 403 36.07 -6.66 13.69
N LYS B 404 35.86 -7.87 14.13
CA LYS B 404 36.22 -8.98 13.33
C LYS B 404 35.40 -8.93 12.06
N ALA B 405 34.15 -8.57 12.19
CA ALA B 405 33.29 -8.46 11.03
C ALA B 405 33.64 -7.36 10.06
N ALA B 406 34.03 -6.21 10.56
CA ALA B 406 34.44 -5.12 9.73
C ALA B 406 35.65 -5.47 8.92
N ARG B 407 36.58 -6.14 9.56
CA ARG B 407 37.77 -6.61 8.91
C ARG B 407 37.56 -7.64 7.88
N THR B 408 36.72 -8.59 8.17
CA THR B 408 36.46 -9.67 7.30
C THR B 408 35.79 -9.15 6.06
N TYR B 409 34.85 -8.25 6.22
CA TYR B 409 33.96 -7.89 5.15
C TYR B 409 34.20 -6.59 4.41
N PHE B 410 34.65 -5.56 5.09
CA PHE B 410 34.74 -4.29 4.42
C PHE B 410 36.02 -4.18 3.62
N THR B 411 36.10 -4.89 2.51
CA THR B 411 37.29 -4.95 1.72
C THR B 411 36.95 -4.63 0.32
N PRO B 412 37.90 -4.12 -0.42
CA PRO B 412 37.68 -3.72 -1.79
C PRO B 412 37.32 -4.88 -2.67
N SER B 413 37.78 -6.06 -2.34
CA SER B 413 37.46 -7.24 -3.08
C SER B 413 36.03 -7.69 -2.90
N ARG B 414 35.34 -7.10 -1.94
CA ARG B 414 33.93 -7.35 -1.79
C ARG B 414 33.01 -6.22 -2.22
N LEU B 415 33.57 -5.20 -2.83
CA LEU B 415 32.92 -3.93 -2.93
C LEU B 415 32.45 -3.71 -4.34
N THR B 416 31.24 -3.21 -4.46
CA THR B 416 30.79 -2.68 -5.71
C THR B 416 30.35 -1.26 -5.47
N LEU B 417 30.85 -0.33 -6.25
CA LEU B 417 30.67 1.06 -5.98
C LEU B 417 30.08 1.71 -7.18
N ALA B 418 29.05 2.49 -6.98
CA ALA B 418 28.42 3.18 -8.07
C ALA B 418 28.43 4.68 -7.87
N GLN B 419 28.78 5.43 -8.90
CA GLN B 419 28.64 6.85 -8.89
C GLN B 419 27.49 7.23 -9.75
N VAL B 420 26.52 7.90 -9.20
CA VAL B 420 25.31 8.21 -9.93
C VAL B 420 25.18 9.69 -10.22
N LEU B 421 25.35 10.02 -11.49
CA LEU B 421 25.58 11.39 -11.90
C LEU B 421 24.41 11.88 -12.68
N PRO B 422 24.16 13.18 -12.65
CA PRO B 422 23.19 13.77 -13.55
C PRO B 422 23.73 13.96 -14.93
N VAL B 423 22.84 14.10 -15.89
CA VAL B 423 23.20 14.05 -17.29
C VAL B 423 23.60 15.40 -17.85
C1 PEG C . -24.75 18.56 6.62
O1 PEG C . -23.33 18.94 6.60
C2 PEG C . -25.38 18.52 5.22
O2 PEG C . -26.30 19.57 4.93
C3 PEG C . -26.75 19.66 3.55
C4 PEG C . -25.72 20.45 2.70
O4 PEG C . -26.21 21.44 1.72
C1 PEG D . -13.85 22.42 7.81
O1 PEG D . -15.09 21.90 8.28
C2 PEG D . -13.72 22.16 6.33
O2 PEG D . -13.78 23.38 5.60
C3 PEG D . -14.08 23.14 4.24
C4 PEG D . -15.01 24.21 3.69
O4 PEG D . -14.55 25.50 4.08
#